data_7XRX
#
_entry.id   7XRX
#
_cell.length_a   87.927
_cell.length_b   78.141
_cell.length_c   99.916
_cell.angle_alpha   90.000
_cell.angle_beta   113.520
_cell.angle_gamma   90.000
#
_symmetry.space_group_name_H-M   'P 1 21 1'
#
loop_
_entity.id
_entity.type
_entity.pdbx_description
1 polymer 'Insulin-cleaving metalloproteinase outer membrane protein'
2 non-polymer 'CALCIUM ION'
3 water water
#
_entity_poly.entity_id   1
_entity_poly.type   'polypeptide(L)'
_entity_poly.pdbx_seq_one_letter_code
;KVDEAAAKAVIKNYADLAEATFADALSTAKDLQKAIDAFLAKPDAETLKAAKEAWFAARTPYSQSEAFRFGNAIIDDWEG
QVNAWPLDEGLIDYVAKDYQHALGNPGATANIVANTEIQVGEDKIDVKEITGEKLASLNELGGSEANVATGYHAIEFLLW
GQDLNGTGPGAGNRPATDYAQGKDCTGGHCDRRAAYLKAVTDLLVSDLEY(MSE)AGQWKAGVADNYRAKLEAEPVDTGL
RK(MSE)FFG(MSE)GSLSLGELAGER(MSE)KVALEANSTEDEHDCFSDDTHHTLFFNGKSIRNIYLGEYKRIDGSVVK
GPSLADLVAKADAAANDTLKADLADTEAKLQAIVDSAEKDGVHFDQ(MSE)IAPDNKDGQQKIRDAIAALVKQTGAIEQA
AGKLGIQDLKPDNADHEF
;
_entity_poly.pdbx_strand_id   A,B,C
#
# COMPACT_ATOMS: atom_id res chain seq x y z
N LYS A 1 24.95 -41.23 15.95
CA LYS A 1 25.62 -40.00 15.56
C LYS A 1 24.73 -39.18 14.62
N VAL A 2 24.04 -39.88 13.70
CA VAL A 2 23.20 -39.19 12.73
C VAL A 2 21.97 -38.57 13.42
N ASP A 3 21.33 -39.30 14.35
CA ASP A 3 20.18 -38.76 15.07
C ASP A 3 20.56 -37.55 15.91
N GLU A 4 21.70 -37.63 16.60
CA GLU A 4 22.15 -36.50 17.41
C GLU A 4 22.47 -35.29 16.53
N ALA A 5 23.12 -35.51 15.39
CA ALA A 5 23.46 -34.42 14.51
C ALA A 5 22.20 -33.75 13.95
N ALA A 6 21.15 -34.53 13.67
CA ALA A 6 19.91 -33.95 13.18
C ALA A 6 19.24 -33.08 14.25
N ALA A 7 19.21 -33.56 15.51
CA ALA A 7 18.68 -32.73 16.58
C ALA A 7 19.50 -31.46 16.77
N LYS A 8 20.84 -31.59 16.72
CA LYS A 8 21.72 -30.44 16.82
C LYS A 8 21.41 -29.40 15.73
N ALA A 9 21.16 -29.86 14.50
CA ALA A 9 20.88 -28.92 13.41
C ALA A 9 19.56 -28.19 13.64
N VAL A 10 18.57 -28.88 14.22
CA VAL A 10 17.28 -28.28 14.49
C VAL A 10 17.41 -27.21 15.57
N ILE A 11 18.20 -27.49 16.62
CA ILE A 11 18.37 -26.54 17.71
C ILE A 11 19.16 -25.32 17.25
N LYS A 12 20.10 -25.54 16.34
CA LYS A 12 20.87 -24.42 15.78
C LYS A 12 19.97 -23.50 14.97
N ASN A 13 19.10 -24.07 14.13
CA ASN A 13 18.14 -23.26 13.38
C ASN A 13 17.18 -22.55 14.32
N TYR A 14 16.75 -23.24 15.38
CA TYR A 14 15.91 -22.62 16.40
C TYR A 14 16.54 -21.35 16.95
N ALA A 15 17.84 -21.41 17.25
CA ALA A 15 18.54 -20.21 17.72
C ALA A 15 18.62 -19.14 16.64
N ASP A 16 18.74 -19.55 15.37
CA ASP A 16 18.73 -18.60 14.25
C ASP A 16 17.38 -17.90 14.13
N LEU A 17 16.28 -18.62 14.34
CA LEU A 17 14.97 -17.99 14.35
C LEU A 17 14.87 -16.95 15.45
N ALA A 18 15.35 -17.30 16.66
CA ALA A 18 15.31 -16.35 17.76
C ALA A 18 16.20 -15.15 17.49
N GLU A 19 17.41 -15.40 16.97
CA GLU A 19 18.31 -14.32 16.59
C GLU A 19 17.64 -13.33 15.64
N ALA A 20 16.96 -13.84 14.61
CA ALA A 20 16.35 -12.97 13.61
C ALA A 20 15.12 -12.27 14.15
N THR A 21 14.33 -12.97 14.98
CA THR A 21 13.15 -12.35 15.58
C THR A 21 13.55 -11.21 16.50
N PHE A 22 14.49 -11.46 17.41
CA PHE A 22 14.90 -10.38 18.32
C PHE A 22 15.63 -9.28 17.59
N ALA A 23 16.36 -9.60 16.52
CA ALA A 23 16.99 -8.56 15.72
C ALA A 23 15.93 -7.66 15.08
N ASP A 24 14.83 -8.25 14.60
CA ASP A 24 13.73 -7.47 14.05
C ASP A 24 13.05 -6.63 15.13
N ALA A 25 12.84 -7.22 16.31
CA ALA A 25 12.30 -6.46 17.43
C ALA A 25 13.19 -5.27 17.77
N LEU A 26 14.52 -5.47 17.76
CA LEU A 26 15.43 -4.38 18.07
C LEU A 26 15.37 -3.27 17.01
N SER A 27 15.40 -3.65 15.73
CA SER A 27 15.41 -2.62 14.69
C SER A 27 14.11 -1.83 14.67
N THR A 28 12.96 -2.50 14.86
CA THR A 28 11.69 -1.77 14.91
C THR A 28 11.58 -0.93 16.17
N ALA A 29 12.17 -1.38 17.28
CA ALA A 29 12.22 -0.52 18.46
C ALA A 29 13.08 0.72 18.21
N LYS A 30 14.13 0.60 17.39
CA LYS A 30 14.92 1.77 17.05
C LYS A 30 14.13 2.75 16.18
N ASP A 31 13.33 2.21 15.24
CA ASP A 31 12.39 3.06 14.49
C ASP A 31 11.42 3.76 15.42
N LEU A 32 10.89 3.04 16.41
CA LEU A 32 10.01 3.63 17.40
C LEU A 32 10.72 4.74 18.18
N GLN A 33 11.98 4.50 18.56
CA GLN A 33 12.76 5.51 19.26
C GLN A 33 12.86 6.80 18.43
N LYS A 34 13.09 6.66 17.13
CA LYS A 34 13.25 7.85 16.30
C LYS A 34 11.90 8.58 16.14
N ALA A 35 10.80 7.84 15.97
CA ALA A 35 9.49 8.48 15.90
C ALA A 35 9.10 9.14 17.22
N ILE A 36 9.44 8.51 18.35
CA ILE A 36 9.17 9.14 19.65
C ILE A 36 10.03 10.40 19.82
N ASP A 37 11.31 10.33 19.43
CA ASP A 37 12.16 11.52 19.46
C ASP A 37 11.57 12.65 18.62
N ALA A 38 11.07 12.33 17.42
CA ALA A 38 10.45 13.33 16.57
C ALA A 38 9.20 13.90 17.21
N PHE A 39 8.45 13.06 17.92
CA PHE A 39 7.23 13.48 18.57
C PHE A 39 7.53 14.44 19.72
N LEU A 40 8.50 14.10 20.57
CA LEU A 40 8.84 14.96 21.69
C LEU A 40 9.36 16.32 21.22
N ALA A 41 10.09 16.34 20.10
CA ALA A 41 10.62 17.59 19.57
C ALA A 41 9.52 18.48 19.02
N LYS A 42 8.50 17.90 18.39
CA LYS A 42 7.43 18.64 17.72
C LYS A 42 6.10 17.92 17.94
N PRO A 43 5.55 18.00 19.15
CA PRO A 43 4.34 17.22 19.48
C PRO A 43 3.08 17.78 18.83
N ASP A 44 2.49 17.01 17.93
CA ASP A 44 1.20 17.36 17.34
C ASP A 44 0.51 16.09 16.88
N ALA A 45 -0.64 16.26 16.22
CA ALA A 45 -1.44 15.10 15.81
C ALA A 45 -0.65 14.18 14.89
N GLU A 46 0.09 14.75 13.93
CA GLU A 46 0.72 13.90 12.92
C GLU A 46 1.95 13.19 13.46
N THR A 47 2.78 13.87 14.29
CA THR A 47 3.92 13.16 14.87
C THR A 47 3.48 12.17 15.95
N LEU A 48 2.35 12.43 16.61
CA LEU A 48 1.83 11.44 17.55
C LEU A 48 1.36 10.20 16.81
N LYS A 49 0.61 10.39 15.72
CA LYS A 49 0.15 9.25 14.92
C LYS A 49 1.34 8.45 14.39
N ALA A 50 2.40 9.14 13.99
CA ALA A 50 3.59 8.42 13.51
C ALA A 50 4.20 7.57 14.62
N ALA A 51 4.20 8.08 15.85
CA ALA A 51 4.71 7.31 16.98
C ALA A 51 3.84 6.08 17.23
N LYS A 52 2.52 6.25 17.15
CA LYS A 52 1.61 5.12 17.32
C LYS A 52 1.83 4.05 16.26
N GLU A 53 1.98 4.47 15.00
CA GLU A 53 2.24 3.51 13.93
C GLU A 53 3.55 2.77 14.16
N ALA A 54 4.58 3.48 14.64
CA ALA A 54 5.85 2.81 14.92
C ALA A 54 5.71 1.81 16.06
N TRP A 55 4.87 2.13 17.06
CA TRP A 55 4.62 1.18 18.14
C TRP A 55 3.96 -0.09 17.61
N PHE A 56 2.90 0.06 16.82
CA PHE A 56 2.26 -1.08 16.17
C PHE A 56 3.27 -1.95 15.44
N ALA A 57 4.16 -1.32 14.67
CA ALA A 57 5.12 -2.09 13.87
C ALA A 57 6.14 -2.79 14.75
N ALA A 58 6.52 -2.19 15.88
CA ALA A 58 7.48 -2.82 16.79
C ALA A 58 6.90 -4.05 17.46
N ARG A 59 5.57 -4.14 17.56
CA ARG A 59 4.94 -5.25 18.28
C ARG A 59 5.02 -6.55 17.48
N THR A 60 4.91 -6.47 16.16
CA THR A 60 4.85 -7.67 15.32
C THR A 60 6.03 -8.62 15.52
N PRO A 61 7.30 -8.19 15.43
CA PRO A 61 8.36 -9.15 15.75
C PRO A 61 8.41 -9.54 17.22
N TYR A 62 8.14 -8.61 18.15
CA TYR A 62 8.27 -9.00 19.55
C TYR A 62 7.24 -10.07 19.90
N SER A 63 6.00 -9.92 19.45
CA SER A 63 5.00 -10.92 19.77
C SER A 63 5.38 -12.29 19.21
N GLN A 64 6.10 -12.33 18.08
CA GLN A 64 6.56 -13.59 17.53
C GLN A 64 7.74 -14.18 18.28
N SER A 65 8.28 -13.49 19.28
CA SER A 65 9.36 -14.07 20.07
C SER A 65 8.86 -14.82 21.31
N GLU A 66 7.57 -14.72 21.65
CA GLU A 66 7.18 -15.11 23.00
C GLU A 66 7.14 -16.62 23.22
N ALA A 67 7.11 -17.43 22.17
CA ALA A 67 7.19 -18.87 22.39
C ALA A 67 8.62 -19.34 22.66
N PHE A 68 9.60 -18.44 22.59
CA PHE A 68 10.93 -18.73 23.13
C PHE A 68 10.98 -18.58 24.65
N ARG A 69 9.96 -17.97 25.26
CA ARG A 69 9.85 -17.93 26.71
C ARG A 69 9.61 -19.34 27.27
N PHE A 70 9.73 -19.46 28.59
CA PHE A 70 9.45 -20.67 29.36
C PHE A 70 10.50 -21.76 29.15
N GLY A 71 10.82 -22.07 27.90
CA GLY A 71 11.92 -22.99 27.64
C GLY A 71 13.28 -22.37 27.88
N ASN A 72 13.42 -21.07 27.67
CA ASN A 72 14.70 -20.38 27.79
C ASN A 72 14.61 -19.40 28.96
N ALA A 73 15.17 -19.80 30.11
CA ALA A 73 15.00 -19.01 31.34
C ALA A 73 15.55 -17.60 31.21
N ILE A 74 16.53 -17.37 30.34
CA ILE A 74 17.11 -16.03 30.23
C ILE A 74 16.06 -15.03 29.73
N ILE A 75 15.09 -15.49 28.94
CA ILE A 75 14.02 -14.59 28.50
C ILE A 75 13.04 -14.35 29.64
N ASP A 76 12.67 -15.42 30.36
CA ASP A 76 11.76 -15.28 31.51
C ASP A 76 12.31 -14.27 32.52
N ASP A 77 13.62 -14.33 32.78
CA ASP A 77 14.23 -13.42 33.75
C ASP A 77 14.31 -11.98 33.25
N TRP A 78 14.10 -11.77 31.95
CA TRP A 78 14.31 -10.48 31.30
C TRP A 78 13.02 -9.79 30.89
N GLU A 79 11.97 -10.54 30.57
CA GLU A 79 10.81 -9.97 29.90
C GLU A 79 9.91 -9.16 30.82
N GLY A 80 10.00 -9.34 32.14
CA GLY A 80 9.19 -8.53 33.04
C GLY A 80 9.47 -7.05 32.96
N GLN A 81 10.65 -6.67 32.47
CA GLN A 81 11.02 -5.28 32.21
C GLN A 81 10.58 -4.79 30.85
N VAL A 82 10.17 -5.69 29.96
CA VAL A 82 9.98 -5.39 28.55
C VAL A 82 8.51 -5.45 28.15
N ASN A 83 7.75 -6.43 28.67
CA ASN A 83 6.40 -6.64 28.16
C ASN A 83 5.42 -6.98 29.28
N ALA A 84 5.66 -6.51 30.50
CA ALA A 84 4.75 -6.84 31.60
C ALA A 84 3.41 -6.17 31.42
N TRP A 85 2.38 -6.79 31.98
CA TRP A 85 1.00 -6.38 31.81
C TRP A 85 0.18 -7.25 32.77
N PRO A 86 -0.98 -6.77 33.23
CA PRO A 86 -1.55 -5.45 32.95
C PRO A 86 -0.91 -4.37 33.81
N LEU A 87 -1.08 -3.12 33.40
CA LEU A 87 -0.64 -1.97 34.18
C LEU A 87 -1.74 -1.53 35.15
N ASP A 88 -1.32 -1.14 36.36
CA ASP A 88 -2.07 -0.17 37.17
C ASP A 88 -1.45 1.18 36.82
N GLU A 89 -1.99 1.80 35.76
CA GLU A 89 -1.30 2.88 35.08
C GLU A 89 -1.23 4.16 35.93
N GLY A 90 -2.03 4.27 36.99
CA GLY A 90 -1.93 5.39 37.90
C GLY A 90 -0.58 5.51 38.58
N LEU A 91 0.23 4.45 38.53
CA LEU A 91 1.62 4.58 38.93
C LEU A 91 2.35 5.62 38.11
N ILE A 92 2.00 5.76 36.83
CA ILE A 92 2.78 6.55 35.89
C ILE A 92 2.25 7.97 35.74
N ASP A 93 0.94 8.12 35.52
CA ASP A 93 0.37 9.38 35.08
C ASP A 93 -1.01 9.54 35.69
N TYR A 94 -1.71 10.62 35.32
CA TYR A 94 -3.07 10.84 35.78
C TYR A 94 -4.02 9.77 35.22
N VAL A 95 -5.13 9.57 35.92
CA VAL A 95 -6.17 8.63 35.53
C VAL A 95 -7.52 9.29 35.70
N ALA A 96 -8.54 8.70 35.07
CA ALA A 96 -9.91 9.19 35.19
C ALA A 96 -10.53 8.70 36.49
N LYS A 97 -11.69 9.26 36.82
CA LYS A 97 -12.31 8.98 38.12
C LYS A 97 -12.83 7.55 38.24
N ASP A 98 -13.05 6.84 37.13
CA ASP A 98 -13.50 5.45 37.20
C ASP A 98 -12.34 4.45 37.18
N TYR A 99 -11.13 4.90 37.51
CA TYR A 99 -9.94 4.07 37.45
C TYR A 99 -10.08 2.84 38.34
N GLN A 100 -9.77 1.67 37.77
CA GLN A 100 -9.79 0.42 38.51
C GLN A 100 -8.37 -0.10 38.62
N HIS A 101 -7.92 -0.35 39.84
CA HIS A 101 -6.57 -0.84 40.07
C HIS A 101 -6.65 -2.05 40.99
N ALA A 102 -5.51 -2.71 41.18
CA ALA A 102 -5.48 -3.94 41.96
C ALA A 102 -5.64 -3.65 43.44
N LEU A 103 -6.30 -4.57 44.14
CA LEU A 103 -6.26 -4.56 45.60
C LEU A 103 -4.85 -4.86 46.08
N GLY A 104 -4.45 -4.19 47.16
CA GLY A 104 -3.13 -4.41 47.71
C GLY A 104 -1.99 -3.93 46.85
N ASN A 105 -2.20 -2.90 46.03
CA ASN A 105 -1.11 -2.33 45.24
C ASN A 105 -0.79 -0.95 45.78
N PRO A 106 0.23 -0.79 46.63
CA PRO A 106 0.52 0.52 47.21
C PRO A 106 1.05 1.54 46.21
N GLY A 107 1.41 1.13 45.00
CA GLY A 107 1.85 2.08 44.00
C GLY A 107 0.80 2.51 43.00
N ALA A 108 -0.46 2.10 43.16
CA ALA A 108 -1.46 2.24 42.11
C ALA A 108 -1.80 3.70 41.78
N THR A 109 -1.55 4.63 42.70
CA THR A 109 -1.87 6.04 42.46
C THR A 109 -0.65 6.93 42.65
N ALA A 110 0.57 6.38 42.58
CA ALA A 110 1.76 7.15 42.92
C ALA A 110 1.95 8.35 42.00
N ASN A 111 1.63 8.19 40.71
CA ASN A 111 1.69 9.26 39.70
C ASN A 111 3.10 9.89 39.62
N ILE A 112 4.01 9.11 39.04
CA ILE A 112 5.41 9.52 38.92
C ILE A 112 5.54 10.81 38.11
N VAL A 113 4.76 10.95 37.05
CA VAL A 113 4.84 12.16 36.22
C VAL A 113 4.61 13.41 37.05
N ALA A 114 3.66 13.36 37.99
CA ALA A 114 3.30 14.54 38.75
C ALA A 114 4.18 14.79 39.96
N ASN A 115 4.88 13.78 40.46
CA ASN A 115 5.55 13.88 41.76
C ASN A 115 7.03 13.58 41.63
N THR A 116 7.86 14.48 42.15
CA THR A 116 9.30 14.27 42.19
C THR A 116 9.71 13.31 43.30
N GLU A 117 8.78 12.97 44.19
CA GLU A 117 8.99 12.01 45.25
C GLU A 117 7.72 11.21 45.41
N ILE A 118 7.84 9.88 45.44
CA ILE A 118 6.70 9.02 45.63
C ILE A 118 6.98 8.15 46.86
N GLN A 119 5.92 7.55 47.39
CA GLN A 119 6.13 6.58 48.45
C GLN A 119 5.20 5.40 48.26
N VAL A 120 5.81 4.25 48.05
CA VAL A 120 5.10 3.02 47.71
C VAL A 120 5.30 2.09 48.89
N GLY A 121 4.29 1.97 49.72
CA GLY A 121 4.51 1.37 51.01
C GLY A 121 5.43 2.29 51.78
N GLU A 122 6.49 1.74 52.37
CA GLU A 122 7.41 2.54 53.15
C GLU A 122 8.66 2.95 52.38
N ASP A 123 8.78 2.58 51.11
CA ASP A 123 9.89 3.06 50.28
C ASP A 123 9.56 4.47 49.81
N LYS A 124 10.22 5.46 50.41
CA LYS A 124 10.10 6.84 49.97
C LYS A 124 11.20 7.12 48.96
N ILE A 125 10.82 7.32 47.70
CA ILE A 125 11.71 7.15 46.56
C ILE A 125 11.83 8.46 45.81
N ASP A 126 13.08 8.85 45.53
CA ASP A 126 13.38 10.07 44.80
C ASP A 126 13.24 9.82 43.29
N VAL A 127 12.31 10.51 42.64
CA VAL A 127 12.15 10.38 41.20
C VAL A 127 12.27 11.74 40.52
N LYS A 128 13.05 12.65 41.12
CA LYS A 128 13.29 13.95 40.51
C LYS A 128 13.84 13.81 39.11
N GLU A 129 14.91 13.02 38.98
CA GLU A 129 15.57 12.72 37.73
C GLU A 129 15.06 11.37 37.23
N ILE A 130 14.40 11.36 36.08
CA ILE A 130 13.76 10.16 35.55
C ILE A 130 14.73 9.45 34.61
N THR A 131 15.28 8.33 35.07
CA THR A 131 16.19 7.51 34.29
C THR A 131 15.58 6.13 34.09
N GLY A 132 16.04 5.43 33.04
CA GLY A 132 15.58 4.07 32.81
C GLY A 132 15.89 3.15 33.97
N GLU A 133 17.12 3.23 34.51
CA GLU A 133 17.51 2.41 35.65
C GLU A 133 16.59 2.66 36.85
N LYS A 134 16.18 3.91 37.04
CA LYS A 134 15.34 4.23 38.19
C LYS A 134 13.94 3.66 38.02
N LEU A 135 13.36 3.85 36.84
CA LEU A 135 12.04 3.28 36.54
C LEU A 135 12.07 1.76 36.60
N ALA A 136 13.14 1.14 36.11
CA ALA A 136 13.23 -0.32 36.16
C ALA A 136 13.18 -0.81 37.59
N SER A 137 13.79 -0.08 38.53
CA SER A 137 13.77 -0.51 39.92
C SER A 137 12.38 -0.45 40.54
N LEU A 138 11.43 0.24 39.89
CA LEU A 138 10.06 0.35 40.37
C LEU A 138 9.14 -0.76 39.89
N ASN A 139 9.56 -1.60 38.95
CA ASN A 139 8.71 -2.71 38.51
C ASN A 139 8.43 -3.64 39.69
N GLU A 140 7.15 -3.96 39.90
CA GLU A 140 6.66 -4.81 40.99
C GLU A 140 6.97 -4.23 42.36
N LEU A 141 7.17 -2.92 42.40
CA LEU A 141 7.47 -2.24 43.64
C LEU A 141 6.34 -2.39 44.66
N GLY A 142 6.71 -2.69 45.90
CA GLY A 142 5.73 -2.88 46.94
C GLY A 142 5.00 -4.21 46.88
N GLY A 143 5.42 -5.13 46.01
CA GLY A 143 4.91 -6.48 45.98
C GLY A 143 3.90 -6.78 44.89
N SER A 144 3.27 -5.77 44.30
CA SER A 144 2.21 -6.00 43.34
C SER A 144 2.75 -6.14 41.92
N GLU A 145 2.35 -7.22 41.24
CA GLU A 145 2.72 -7.41 39.84
C GLU A 145 2.01 -6.42 38.91
N ALA A 146 0.95 -5.75 39.38
CA ALA A 146 0.30 -4.72 38.58
C ALA A 146 1.12 -3.44 38.52
N ASN A 147 2.20 -3.33 39.28
CA ASN A 147 3.01 -2.12 39.30
C ASN A 147 4.06 -2.22 38.21
N VAL A 148 3.73 -1.70 37.03
CA VAL A 148 4.56 -1.82 35.83
C VAL A 148 4.96 -0.42 35.41
N ALA A 149 6.26 -0.14 35.43
CA ALA A 149 6.77 1.19 35.11
C ALA A 149 7.42 1.26 33.73
N THR A 150 7.74 0.13 33.10
CA THR A 150 8.53 0.11 31.88
C THR A 150 7.92 -0.85 30.86
N GLY A 151 8.46 -0.79 29.65
CA GLY A 151 8.14 -1.75 28.61
C GLY A 151 7.17 -1.22 27.57
N TYR A 152 6.80 -2.13 26.65
CA TYR A 152 5.90 -1.80 25.55
C TYR A 152 4.62 -1.14 26.04
N HIS A 153 4.07 -1.62 27.15
CA HIS A 153 2.77 -1.13 27.58
C HIS A 153 2.86 0.14 28.41
N ALA A 154 4.03 0.44 28.99
CA ALA A 154 4.25 1.77 29.55
C ALA A 154 4.31 2.81 28.44
N ILE A 155 5.05 2.51 27.37
CA ILE A 155 5.04 3.35 26.16
C ILE A 155 3.64 3.45 25.60
N GLU A 156 2.96 2.31 25.46
CA GLU A 156 1.58 2.28 24.99
C GLU A 156 0.70 3.24 25.80
N PHE A 157 0.80 3.19 27.13
CA PHE A 157 -0.02 4.06 27.96
C PHE A 157 0.35 5.53 27.78
N LEU A 158 1.64 5.83 27.62
CA LEU A 158 2.04 7.22 27.47
C LEU A 158 1.65 7.79 26.10
N LEU A 159 1.44 6.94 25.09
CA LEU A 159 1.01 7.42 23.78
C LEU A 159 -0.49 7.50 23.64
N TRP A 160 -1.22 6.48 24.12
CA TRP A 160 -2.67 6.42 23.95
C TRP A 160 -3.46 6.94 25.14
N GLY A 161 -2.94 6.83 26.36
CA GLY A 161 -3.73 7.11 27.54
C GLY A 161 -4.74 6.00 27.80
N GLN A 162 -5.52 6.19 28.85
CA GLN A 162 -6.54 5.20 29.20
C GLN A 162 -7.57 5.08 28.09
N ASP A 163 -8.02 3.85 27.85
CA ASP A 163 -9.16 3.62 26.99
C ASP A 163 -10.42 3.81 27.83
N LEU A 164 -11.11 4.92 27.62
CA LEU A 164 -12.29 5.24 28.41
C LEU A 164 -13.58 4.67 27.82
N ASN A 165 -13.49 3.87 26.77
CA ASN A 165 -14.67 3.44 26.02
C ASN A 165 -15.24 2.10 26.46
N GLY A 166 -14.63 1.43 27.43
CA GLY A 166 -15.21 0.19 27.95
C GLY A 166 -15.25 -0.91 26.90
N THR A 167 -16.44 -1.49 26.70
CA THR A 167 -16.67 -2.47 25.65
C THR A 167 -17.18 -1.84 24.36
N GLY A 168 -17.17 -0.51 24.27
CA GLY A 168 -17.60 0.16 23.07
C GLY A 168 -16.45 0.44 22.12
N PRO A 169 -16.76 1.06 20.99
CA PRO A 169 -15.71 1.40 20.02
C PRO A 169 -14.76 2.45 20.56
N GLY A 170 -13.50 2.34 20.15
CA GLY A 170 -12.50 3.35 20.42
C GLY A 170 -11.46 2.91 21.43
N ALA A 171 -10.24 3.44 21.27
CA ALA A 171 -9.11 3.21 22.16
C ALA A 171 -8.82 4.47 22.97
N GLY A 172 -7.68 4.50 23.63
CA GLY A 172 -7.26 5.73 24.29
C GLY A 172 -7.07 6.85 23.27
N ASN A 173 -7.25 8.09 23.73
CA ASN A 173 -7.08 9.20 22.80
C ASN A 173 -6.44 10.38 23.51
N ARG A 174 -5.39 10.09 24.27
CA ARG A 174 -4.54 11.13 24.85
C ARG A 174 -4.21 12.18 23.79
N PRO A 175 -4.31 13.47 24.10
CA PRO A 175 -3.97 14.51 23.13
C PRO A 175 -2.48 14.80 23.10
N ALA A 176 -2.00 15.19 21.92
CA ALA A 176 -0.60 15.53 21.77
C ALA A 176 -0.16 16.63 22.72
N THR A 177 -1.07 17.52 23.11
CA THR A 177 -0.75 18.61 24.02
C THR A 177 -0.26 18.12 25.38
N ASP A 178 -0.49 16.83 25.72
CA ASP A 178 0.12 16.28 26.93
C ASP A 178 1.65 16.34 26.89
N TYR A 179 2.26 16.59 25.73
CA TYR A 179 3.71 16.70 25.62
C TYR A 179 4.17 18.08 25.16
N ALA A 180 3.25 19.05 25.06
CA ALA A 180 3.63 20.42 24.74
C ALA A 180 4.29 21.03 25.97
N GLN A 181 5.53 21.47 25.82
CA GLN A 181 6.23 22.13 26.90
C GLN A 181 5.79 23.59 27.01
N GLY A 182 5.72 24.06 28.24
CA GLY A 182 5.34 25.45 28.47
C GLY A 182 3.84 25.60 28.62
N LYS A 183 3.26 26.51 27.81
CA LYS A 183 1.95 27.07 28.10
C LYS A 183 0.79 26.23 27.56
N ASP A 184 0.95 25.57 26.42
CA ASP A 184 -0.12 24.70 25.94
C ASP A 184 -0.12 23.34 26.62
N CYS A 185 0.77 23.12 27.59
CA CYS A 185 0.82 21.85 28.30
C CYS A 185 -0.54 21.51 28.87
N THR A 186 -0.89 20.25 28.75
CA THR A 186 -2.19 19.78 29.17
C THR A 186 -1.96 18.49 29.97
N GLY A 187 -2.75 18.28 31.01
CA GLY A 187 -2.52 17.18 31.92
C GLY A 187 -1.45 17.42 32.99
N GLY A 188 -0.74 18.55 32.92
CA GLY A 188 0.28 18.88 33.92
C GLY A 188 1.62 18.21 33.70
N HIS A 189 2.69 18.85 34.16
CA HIS A 189 4.01 18.23 34.29
C HIS A 189 4.47 17.61 32.98
N CYS A 190 4.23 18.32 31.87
CA CYS A 190 4.57 17.79 30.55
C CYS A 190 6.07 17.62 30.36
N ASP A 191 6.89 18.37 31.10
CA ASP A 191 8.33 18.12 31.03
C ASP A 191 8.67 16.76 31.64
N ARG A 192 8.07 16.40 32.76
CA ARG A 192 8.30 15.08 33.34
C ARG A 192 7.65 13.99 32.49
N ARG A 193 6.51 14.26 31.85
CA ARG A 193 5.90 13.26 30.99
C ARG A 193 6.81 12.92 29.81
N ALA A 194 7.36 13.95 29.16
CA ALA A 194 8.30 13.72 28.06
C ALA A 194 9.53 12.98 28.54
N ALA A 195 10.07 13.37 29.70
CA ALA A 195 11.24 12.67 30.25
C ALA A 195 10.92 11.20 30.53
N TYR A 196 9.70 10.91 31.01
CA TYR A 196 9.32 9.52 31.25
C TYR A 196 9.29 8.74 29.94
N LEU A 197 8.58 9.25 28.95
CA LEU A 197 8.44 8.53 27.68
C LEU A 197 9.80 8.31 27.03
N LYS A 198 10.69 9.30 27.12
CA LYS A 198 12.04 9.14 26.56
C LYS A 198 12.79 8.05 27.28
N ALA A 199 12.74 8.04 28.61
CA ALA A 199 13.50 7.06 29.39
C ALA A 199 13.05 5.63 29.09
N VAL A 200 11.73 5.38 29.08
CA VAL A 200 11.26 4.00 28.87
C VAL A 200 11.50 3.58 27.42
N THR A 201 11.43 4.50 26.48
CA THR A 201 11.73 4.15 25.09
C THR A 201 13.20 3.76 24.94
N ASP A 202 14.11 4.58 25.48
CA ASP A 202 15.53 4.24 25.42
C ASP A 202 15.83 2.95 26.18
N LEU A 203 15.17 2.73 27.32
CA LEU A 203 15.38 1.50 28.07
C LEU A 203 14.93 0.28 27.26
N LEU A 204 13.81 0.39 26.56
CA LEU A 204 13.36 -0.72 25.72
C LEU A 204 14.42 -1.07 24.67
N VAL A 205 14.92 -0.05 23.95
CA VAL A 205 15.96 -0.32 22.96
C VAL A 205 17.15 -1.01 23.60
N SER A 206 17.57 -0.52 24.77
CA SER A 206 18.72 -1.09 25.46
C SER A 206 18.44 -2.55 25.87
N ASP A 207 17.23 -2.85 26.34
CA ASP A 207 16.91 -4.24 26.68
C ASP A 207 16.89 -5.13 25.43
N LEU A 208 16.34 -4.63 24.33
CA LEU A 208 16.31 -5.44 23.11
C LEU A 208 17.69 -5.61 22.50
N GLU A 209 18.57 -4.63 22.67
CA GLU A 209 19.95 -4.81 22.21
C GLU A 209 20.64 -5.91 23.01
N TYR A 210 20.43 -5.94 24.33
CA TYR A 210 20.95 -7.04 25.15
C TYR A 210 20.45 -8.39 24.64
N ALA A 212 18.94 -9.40 21.78
CA ALA A 212 19.40 -9.73 20.44
C ALA A 212 20.83 -10.24 20.47
N GLY A 213 21.68 -9.64 21.32
CA GLY A 213 23.06 -10.09 21.43
C GLY A 213 23.20 -11.46 22.06
N GLN A 214 22.25 -11.87 22.89
CA GLN A 214 22.31 -13.19 23.53
C GLN A 214 22.03 -14.32 22.55
N TRP A 215 21.48 -14.02 21.37
CA TRP A 215 21.20 -15.06 20.38
C TRP A 215 22.10 -14.95 19.16
N LYS A 216 23.12 -14.10 19.20
CA LYS A 216 24.10 -14.06 18.12
C LYS A 216 24.94 -15.31 18.09
N ALA A 217 25.16 -15.82 16.88
CA ALA A 217 26.04 -16.96 16.71
C ALA A 217 27.50 -16.56 16.86
N GLY A 218 28.33 -17.53 17.24
CA GLY A 218 29.76 -17.31 17.32
C GLY A 218 30.21 -16.43 18.46
N VAL A 219 29.48 -16.45 19.57
CA VAL A 219 29.83 -15.66 20.76
C VAL A 219 29.90 -16.62 21.94
N ALA A 220 31.11 -16.86 22.45
CA ALA A 220 31.33 -17.93 23.41
C ALA A 220 30.60 -17.74 24.73
N ASP A 221 30.31 -16.49 25.12
CA ASP A 221 29.83 -16.25 26.48
C ASP A 221 28.34 -15.93 26.57
N ASN A 222 27.55 -16.16 25.51
CA ASN A 222 26.15 -15.76 25.58
C ASN A 222 25.26 -17.00 25.72
N TYR A 223 23.96 -16.75 25.88
CA TYR A 223 23.01 -17.84 26.11
C TYR A 223 23.00 -18.82 24.94
N ARG A 224 23.04 -18.31 23.72
CA ARG A 224 22.99 -19.20 22.55
C ARG A 224 24.12 -20.23 22.58
N ALA A 225 25.30 -19.82 23.05
CA ALA A 225 26.41 -20.76 23.14
C ALA A 225 26.13 -21.83 24.19
N LYS A 226 25.48 -21.47 25.26
CA LYS A 226 25.10 -22.44 26.24
C LYS A 226 24.07 -23.41 25.69
N LEU A 227 23.05 -22.89 25.04
CA LEU A 227 21.97 -23.71 24.51
C LEU A 227 22.49 -24.72 23.49
N GLU A 228 23.35 -24.27 22.57
CA GLU A 228 23.87 -25.17 21.55
C GLU A 228 24.83 -26.22 22.12
N ALA A 229 25.45 -25.94 23.28
CA ALA A 229 26.32 -26.94 23.91
C ALA A 229 25.55 -27.94 24.77
N GLU A 230 24.29 -27.65 25.12
CA GLU A 230 23.52 -28.54 25.98
C GLU A 230 23.19 -29.85 25.26
N PRO A 231 22.93 -30.93 26.02
CA PRO A 231 22.48 -32.18 25.39
C PRO A 231 21.25 -31.92 24.53
N VAL A 232 21.14 -32.63 23.40
CA VAL A 232 20.08 -32.28 22.46
C VAL A 232 18.71 -32.54 23.05
N ASP A 233 18.56 -33.53 23.93
CA ASP A 233 17.23 -33.75 24.50
C ASP A 233 16.82 -32.58 25.40
N THR A 234 17.79 -31.91 26.03
CA THR A 234 17.50 -30.70 26.77
C THR A 234 17.04 -29.59 25.82
N GLY A 235 17.74 -29.40 24.71
CA GLY A 235 17.34 -28.37 23.76
C GLY A 235 15.98 -28.65 23.14
N LEU A 236 15.72 -29.91 22.78
CA LEU A 236 14.43 -30.24 22.19
C LEU A 236 13.29 -30.03 23.19
N ARG A 237 13.51 -30.37 24.47
CA ARG A 237 12.46 -30.14 25.45
C ARG A 237 12.17 -28.65 25.59
N LYS A 238 13.22 -27.81 25.57
CA LYS A 238 13.02 -26.36 25.63
C LYS A 238 12.14 -25.86 24.49
N PHE A 240 9.81 -27.58 22.67
CA PHE A 240 8.44 -28.01 22.93
C PHE A 240 7.84 -27.30 24.13
N PHE A 241 8.65 -27.13 25.18
CA PHE A 241 8.10 -26.53 26.40
C PHE A 241 7.68 -25.09 26.16
N GLY A 242 8.47 -24.33 25.39
CA GLY A 242 8.05 -22.97 25.03
C GLY A 242 6.78 -22.96 24.21
N GLY A 244 4.34 -25.27 24.05
CA GLY A 244 3.17 -25.67 24.81
C GLY A 244 2.80 -24.69 25.91
N SER A 245 3.80 -24.09 26.57
CA SER A 245 3.52 -23.17 27.67
C SER A 245 2.94 -21.86 27.18
N LEU A 246 3.34 -21.40 25.99
CA LEU A 246 2.67 -20.24 25.41
C LEU A 246 1.26 -20.61 24.96
N SER A 247 1.12 -21.74 24.25
CA SER A 247 -0.20 -22.15 23.75
C SER A 247 -1.22 -22.17 24.87
N LEU A 248 -0.89 -22.81 25.99
CA LEU A 248 -1.88 -23.15 26.99
C LEU A 248 -1.99 -22.07 28.06
N GLY A 249 -1.05 -22.04 29.00
CA GLY A 249 -1.17 -21.12 30.13
C GLY A 249 -1.22 -19.66 29.71
N GLU A 250 -0.31 -19.25 28.83
CA GLU A 250 -0.16 -17.81 28.60
C GLU A 250 -1.11 -17.27 27.54
N LEU A 251 -1.22 -17.94 26.40
CA LEU A 251 -2.08 -17.41 25.34
C LEU A 251 -3.54 -17.77 25.57
N ALA A 252 -3.86 -19.07 25.61
CA ALA A 252 -5.24 -19.48 25.84
C ALA A 252 -5.75 -19.00 27.19
N GLY A 253 -4.91 -19.10 28.22
CA GLY A 253 -5.34 -18.74 29.56
C GLY A 253 -5.22 -17.28 29.91
N GLU A 254 -4.00 -16.80 30.13
CA GLU A 254 -3.80 -15.45 30.66
C GLU A 254 -4.27 -14.36 29.70
N ARG A 255 -4.14 -14.57 28.38
CA ARG A 255 -4.43 -13.51 27.42
C ARG A 255 -5.79 -13.66 26.74
N LYS A 257 -8.74 -16.42 28.05
CA LYS A 257 -9.74 -16.94 28.98
C LYS A 257 -10.03 -15.96 30.11
N VAL A 258 -8.99 -15.33 30.67
CA VAL A 258 -9.19 -14.44 31.81
C VAL A 258 -10.11 -13.28 31.44
N ALA A 259 -9.75 -12.53 30.40
CA ALA A 259 -10.57 -11.38 30.01
C ALA A 259 -11.96 -11.82 29.56
N LEU A 260 -12.05 -12.96 28.85
CA LEU A 260 -13.33 -13.41 28.32
C LEU A 260 -14.30 -13.81 29.42
N GLU A 261 -13.81 -14.50 30.46
CA GLU A 261 -14.73 -15.04 31.45
C GLU A 261 -15.11 -14.02 32.52
N ALA A 262 -14.31 -12.98 32.71
CA ALA A 262 -14.65 -11.87 33.58
C ALA A 262 -15.27 -10.69 32.83
N ASN A 263 -15.36 -10.77 31.50
CA ASN A 263 -15.74 -9.62 30.67
C ASN A 263 -14.96 -8.37 31.08
N SER A 264 -13.65 -8.53 31.29
CA SER A 264 -12.81 -7.50 31.89
C SER A 264 -11.92 -6.89 30.80
N THR A 265 -12.30 -5.70 30.33
CA THR A 265 -11.47 -5.00 29.37
C THR A 265 -10.16 -4.54 30.00
N GLU A 266 -10.16 -4.30 31.31
CA GLU A 266 -8.94 -3.91 32.01
C GLU A 266 -7.86 -4.99 31.96
N ASP A 267 -8.22 -6.23 31.64
CA ASP A 267 -7.29 -7.34 31.59
C ASP A 267 -6.82 -7.69 30.19
N GLU A 268 -7.22 -6.94 29.15
CA GLU A 268 -6.74 -7.29 27.81
C GLU A 268 -5.30 -6.86 27.66
N HIS A 269 -4.57 -7.54 26.77
CA HIS A 269 -3.12 -7.37 26.72
C HIS A 269 -2.74 -5.96 26.31
N ASP A 270 -3.37 -5.42 25.28
CA ASP A 270 -3.05 -4.08 24.78
C ASP A 270 -4.24 -3.17 25.08
N CYS A 271 -4.37 -2.83 26.36
CA CYS A 271 -5.53 -2.14 26.90
C CYS A 271 -5.79 -0.81 26.21
N PHE A 272 -4.72 -0.04 25.97
CA PHE A 272 -4.87 1.36 25.59
C PHE A 272 -4.94 1.57 24.08
N SER A 273 -4.19 0.78 23.33
CA SER A 273 -4.16 0.87 21.88
C SER A 273 -5.18 -0.05 21.22
N ASP A 274 -5.74 -1.00 21.96
CA ASP A 274 -6.69 -1.99 21.44
C ASP A 274 -6.06 -2.84 20.32
N ASP A 275 -4.76 -3.12 20.42
CA ASP A 275 -4.05 -3.96 19.47
C ASP A 275 -4.03 -5.43 19.90
N THR A 276 -4.85 -5.80 20.89
CA THR A 276 -4.76 -7.15 21.47
C THR A 276 -4.88 -8.24 20.42
N HIS A 277 -5.69 -8.01 19.37
CA HIS A 277 -5.85 -9.04 18.33
C HIS A 277 -4.53 -9.39 17.67
N HIS A 278 -3.64 -8.40 17.48
CA HIS A 278 -2.36 -8.69 16.83
C HIS A 278 -1.42 -9.43 17.77
N THR A 279 -1.42 -9.07 19.06
CA THR A 279 -0.62 -9.82 20.02
C THR A 279 -1.00 -11.30 19.99
N LEU A 280 -2.29 -11.60 20.12
CA LEU A 280 -2.74 -12.98 20.08
C LEU A 280 -2.31 -13.68 18.81
N PHE A 281 -2.53 -13.04 17.66
CA PHE A 281 -2.20 -13.67 16.38
C PHE A 281 -0.71 -13.97 16.28
N PHE A 282 0.13 -12.99 16.59
CA PHE A 282 1.56 -13.22 16.41
C PHE A 282 2.18 -14.05 17.53
N ASN A 283 1.56 -14.10 18.71
CA ASN A 283 1.90 -15.16 19.67
C ASN A 283 1.68 -16.53 19.05
N GLY A 284 0.50 -16.73 18.45
CA GLY A 284 0.22 -17.99 17.78
C GLY A 284 1.25 -18.29 16.70
N LYS A 285 1.65 -17.27 15.94
CA LYS A 285 2.64 -17.45 14.88
C LYS A 285 3.98 -17.88 15.45
N SER A 286 4.36 -17.34 16.63
CA SER A 286 5.60 -17.72 17.28
C SER A 286 5.71 -19.23 17.43
N ILE A 287 4.63 -19.85 17.91
CA ILE A 287 4.61 -21.29 18.12
C ILE A 287 4.78 -22.04 16.80
N ARG A 288 4.04 -21.61 15.78
CA ARG A 288 4.10 -22.30 14.50
C ARG A 288 5.45 -22.08 13.81
N ASN A 289 6.03 -20.88 13.95
CA ASN A 289 7.37 -20.63 13.44
C ASN A 289 8.37 -21.65 13.99
N ILE A 290 8.32 -21.86 15.30
CA ILE A 290 9.29 -22.73 15.95
C ILE A 290 9.15 -24.16 15.45
N TYR A 291 7.91 -24.65 15.36
CA TYR A 291 7.72 -26.04 14.96
C TYR A 291 8.13 -26.27 13.51
N LEU A 292 7.80 -25.34 12.63
CA LEU A 292 8.11 -25.48 11.21
C LEU A 292 9.53 -25.07 10.86
N GLY A 293 10.26 -24.44 11.79
CA GLY A 293 11.63 -24.03 11.53
C GLY A 293 11.77 -22.86 10.58
N GLU A 294 10.80 -21.95 10.56
CA GLU A 294 10.80 -20.83 9.63
C GLU A 294 10.35 -19.57 10.34
N TYR A 295 10.96 -18.46 9.96
CA TYR A 295 10.55 -17.14 10.42
C TYR A 295 10.60 -16.20 9.22
N LYS A 296 9.44 -15.67 8.83
CA LYS A 296 9.37 -14.63 7.80
C LYS A 296 9.64 -13.28 8.44
N ARG A 297 10.75 -12.64 8.07
CA ARG A 297 11.23 -11.44 8.72
C ARG A 297 10.38 -10.24 8.32
N ILE A 298 10.59 -9.11 9.03
CA ILE A 298 9.82 -7.91 8.74
C ILE A 298 10.10 -7.35 7.35
N ASP A 299 11.21 -7.72 6.72
CA ASP A 299 11.49 -7.25 5.37
C ASP A 299 11.00 -8.21 4.29
N GLY A 300 10.35 -9.31 4.65
CA GLY A 300 9.84 -10.27 3.70
C GLY A 300 10.73 -11.47 3.46
N SER A 301 12.01 -11.40 3.81
CA SER A 301 12.86 -12.56 3.64
C SER A 301 12.51 -13.62 4.69
N VAL A 302 12.96 -14.85 4.44
CA VAL A 302 12.64 -15.98 5.32
C VAL A 302 13.91 -16.58 5.86
N VAL A 303 13.95 -16.81 7.17
CA VAL A 303 14.99 -17.59 7.80
C VAL A 303 14.41 -18.99 7.98
N LYS A 304 15.09 -19.99 7.43
CA LYS A 304 14.53 -21.34 7.40
C LYS A 304 15.67 -22.34 7.51
N GLY A 305 15.40 -23.45 8.20
CA GLY A 305 16.35 -24.53 8.30
C GLY A 305 15.66 -25.83 8.65
N PRO A 306 16.45 -26.85 9.01
CA PRO A 306 15.87 -28.13 9.41
C PRO A 306 14.91 -27.94 10.58
N SER A 307 13.78 -28.64 10.51
CA SER A 307 12.66 -28.34 11.39
C SER A 307 12.45 -29.43 12.42
N LEU A 308 11.94 -29.00 13.58
CA LEU A 308 11.43 -29.94 14.58
C LEU A 308 10.35 -30.84 13.97
N ALA A 309 9.52 -30.27 13.07
CA ALA A 309 8.47 -31.05 12.43
C ALA A 309 9.04 -32.27 11.71
N ASP A 310 10.17 -32.11 11.00
CA ASP A 310 10.75 -33.24 10.27
C ASP A 310 11.26 -34.33 11.22
N LEU A 311 11.79 -33.95 12.38
CA LEU A 311 12.20 -34.93 13.37
C LEU A 311 11.02 -35.76 13.85
N VAL A 312 9.89 -35.11 14.14
CA VAL A 312 8.69 -35.83 14.56
C VAL A 312 8.20 -36.73 13.43
N ALA A 313 8.17 -36.21 12.20
CA ALA A 313 7.67 -36.99 11.07
C ALA A 313 8.45 -38.30 10.90
N LYS A 314 9.76 -38.28 11.18
CA LYS A 314 10.54 -39.51 11.09
C LYS A 314 10.16 -40.49 12.19
N ALA A 315 9.89 -39.99 13.39
CA ALA A 315 9.47 -40.85 14.49
C ALA A 315 8.03 -41.33 14.33
N ASP A 316 7.12 -40.43 13.93
CA ASP A 316 5.71 -40.79 13.83
C ASP A 316 5.01 -39.78 12.91
N ALA A 317 4.76 -40.19 11.67
CA ALA A 317 4.20 -39.27 10.69
C ALA A 317 2.83 -38.75 11.12
N ALA A 318 2.01 -39.61 11.75
CA ALA A 318 0.68 -39.20 12.16
C ALA A 318 0.73 -38.10 13.21
N ALA A 319 1.63 -38.22 14.19
CA ALA A 319 1.75 -37.18 15.20
C ALA A 319 2.13 -35.85 14.57
N ASN A 320 3.05 -35.86 13.61
CA ASN A 320 3.44 -34.63 12.93
C ASN A 320 2.27 -34.04 12.14
N ASP A 321 1.58 -34.87 11.35
CA ASP A 321 0.44 -34.38 10.58
C ASP A 321 -0.64 -33.78 11.49
N THR A 322 -0.92 -34.42 12.62
CA THR A 322 -1.93 -33.90 13.53
C THR A 322 -1.53 -32.53 14.06
N LEU A 323 -0.27 -32.37 14.47
CA LEU A 323 0.17 -31.10 15.04
C LEU A 323 0.20 -29.99 13.99
N LYS A 324 0.63 -30.29 12.77
CA LYS A 324 0.64 -29.26 11.73
C LYS A 324 -0.78 -28.81 11.40
N ALA A 325 -1.72 -29.75 11.35
CA ALA A 325 -3.12 -29.39 11.10
C ALA A 325 -3.71 -28.61 12.26
N ASP A 326 -3.38 -28.97 13.50
CA ASP A 326 -3.85 -28.18 14.64
C ASP A 326 -3.29 -26.77 14.58
N LEU A 327 -2.00 -26.63 14.25
CA LEU A 327 -1.41 -25.29 14.16
C LEU A 327 -2.08 -24.46 13.07
N ALA A 328 -2.40 -25.09 11.94
CA ALA A 328 -3.08 -24.38 10.86
C ALA A 328 -4.48 -23.94 11.28
N ASP A 329 -5.21 -24.80 12.01
CA ASP A 329 -6.54 -24.43 12.48
C ASP A 329 -6.46 -23.30 13.49
N THR A 330 -5.49 -23.37 14.42
CA THR A 330 -5.32 -22.30 15.38
C THR A 330 -5.04 -20.97 14.69
N GLU A 331 -4.17 -20.97 13.67
CA GLU A 331 -3.90 -19.73 12.96
C GLU A 331 -5.17 -19.18 12.32
N ALA A 332 -6.03 -20.06 11.81
CA ALA A 332 -7.30 -19.60 11.23
C ALA A 332 -8.19 -18.97 12.28
N LYS A 333 -8.25 -19.57 13.47
CA LYS A 333 -9.08 -19.02 14.54
C LYS A 333 -8.55 -17.68 15.01
N LEU A 334 -7.23 -17.54 15.11
CA LEU A 334 -6.66 -16.25 15.49
C LEU A 334 -6.81 -15.22 14.37
N GLN A 335 -6.78 -15.67 13.11
CA GLN A 335 -7.01 -14.77 11.99
C GLN A 335 -8.42 -14.19 12.03
N ALA A 336 -9.40 -14.99 12.46
CA ALA A 336 -10.76 -14.48 12.58
C ALA A 336 -10.86 -13.38 13.65
N ILE A 337 -10.03 -13.45 14.68
CA ILE A 337 -10.01 -12.39 15.69
C ILE A 337 -9.39 -11.12 15.10
N VAL A 338 -8.25 -11.25 14.42
CA VAL A 338 -7.66 -10.11 13.71
C VAL A 338 -8.66 -9.50 12.73
N ASP A 339 -9.36 -10.34 11.97
CA ASP A 339 -10.28 -9.81 10.96
C ASP A 339 -11.43 -9.04 11.59
N SER A 340 -11.95 -9.54 12.71
CA SER A 340 -12.99 -8.79 13.42
C SER A 340 -12.55 -7.36 13.68
N ALA A 341 -11.31 -7.17 14.15
CA ALA A 341 -10.84 -5.83 14.45
C ALA A 341 -10.54 -5.05 13.18
N GLU A 342 -9.77 -5.64 12.27
CA GLU A 342 -9.22 -4.89 11.15
C GLU A 342 -10.25 -4.67 10.05
N LYS A 343 -11.14 -5.64 9.81
CA LYS A 343 -12.16 -5.45 8.78
C LYS A 343 -13.46 -4.87 9.32
N ASP A 344 -13.91 -5.33 10.48
CA ASP A 344 -15.21 -4.95 11.02
C ASP A 344 -15.14 -3.86 12.08
N GLY A 345 -13.95 -3.49 12.54
CA GLY A 345 -13.86 -2.49 13.59
C GLY A 345 -14.34 -2.94 14.95
N VAL A 346 -14.37 -4.25 15.20
CA VAL A 346 -14.80 -4.80 16.49
C VAL A 346 -13.56 -5.37 17.16
N HIS A 347 -12.97 -4.60 18.07
CA HIS A 347 -11.72 -4.99 18.69
C HIS A 347 -11.96 -5.96 19.85
N PHE A 348 -10.88 -6.45 20.44
CA PHE A 348 -10.98 -7.48 21.48
C PHE A 348 -11.83 -7.00 22.65
N ASP A 349 -11.66 -5.73 23.05
CA ASP A 349 -12.45 -5.25 24.19
C ASP A 349 -13.94 -5.19 23.86
N GLN A 350 -14.32 -5.23 22.58
CA GLN A 350 -15.72 -5.30 22.18
C GLN A 350 -16.22 -6.73 22.07
N ILE A 352 -15.45 -9.26 23.92
CA ILE A 352 -15.65 -9.90 25.22
C ILE A 352 -16.85 -9.29 25.93
N ALA A 353 -17.59 -8.39 25.27
CA ALA A 353 -18.77 -7.80 25.88
C ALA A 353 -19.79 -8.87 26.20
N PRO A 354 -20.54 -8.71 27.30
CA PRO A 354 -21.52 -9.75 27.66
C PRO A 354 -22.53 -10.06 26.55
N ASP A 355 -22.92 -9.06 25.77
CA ASP A 355 -23.96 -9.25 24.75
C ASP A 355 -23.42 -9.67 23.38
N ASN A 356 -22.10 -9.76 23.20
CA ASN A 356 -21.53 -10.04 21.88
C ASN A 356 -21.39 -11.55 21.70
N LYS A 357 -22.42 -12.16 21.11
CA LYS A 357 -22.44 -13.62 20.96
C LYS A 357 -21.34 -14.09 20.00
N ASP A 358 -21.24 -13.48 18.83
CA ASP A 358 -20.23 -13.91 17.86
C ASP A 358 -18.83 -13.57 18.34
N GLY A 359 -18.66 -12.43 19.01
CA GLY A 359 -17.36 -12.08 19.54
C GLY A 359 -16.85 -13.11 20.53
N GLN A 360 -17.69 -13.48 21.50
CA GLN A 360 -17.26 -14.44 22.50
C GLN A 360 -16.98 -15.81 21.88
N GLN A 361 -17.78 -16.20 20.89
CA GLN A 361 -17.60 -17.51 20.28
C GLN A 361 -16.27 -17.61 19.54
N LYS A 362 -15.88 -16.54 18.83
CA LYS A 362 -14.58 -16.56 18.16
C LYS A 362 -13.45 -16.73 19.16
N ILE A 363 -13.56 -16.09 20.33
CA ILE A 363 -12.52 -16.25 21.33
C ILE A 363 -12.54 -17.67 21.90
N ARG A 364 -13.73 -18.21 22.18
CA ARG A 364 -13.80 -19.57 22.70
C ARG A 364 -13.33 -20.60 21.68
N ASP A 365 -13.57 -20.35 20.38
CA ASP A 365 -13.07 -21.28 19.36
C ASP A 365 -11.56 -21.27 19.31
N ALA A 366 -10.94 -20.11 19.47
CA ALA A 366 -9.48 -20.04 19.44
C ALA A 366 -8.87 -20.67 20.70
N ILE A 367 -9.53 -20.49 21.86
CA ILE A 367 -9.06 -21.17 23.08
C ILE A 367 -9.09 -22.68 22.89
N ALA A 368 -10.20 -23.21 22.37
CA ALA A 368 -10.32 -24.65 22.16
C ALA A 368 -9.25 -25.15 21.19
N ALA A 369 -8.95 -24.36 20.16
CA ALA A 369 -7.91 -24.77 19.22
C ALA A 369 -6.54 -24.79 19.89
N LEU A 370 -6.28 -23.81 20.76
CA LEU A 370 -5.00 -23.76 21.47
C LEU A 370 -4.86 -24.91 22.46
N VAL A 371 -5.95 -25.29 23.13
CA VAL A 371 -5.91 -26.43 24.04
C VAL A 371 -5.68 -27.72 23.27
N LYS A 372 -6.35 -27.89 22.13
CA LYS A 372 -6.15 -29.07 21.30
C LYS A 372 -4.71 -29.16 20.82
N GLN A 373 -4.16 -28.06 20.30
CA GLN A 373 -2.79 -28.15 19.81
C GLN A 373 -1.79 -28.38 20.93
N THR A 374 -2.10 -27.97 22.17
CA THR A 374 -1.23 -28.30 23.29
C THR A 374 -1.16 -29.79 23.51
N GLY A 375 -2.29 -30.48 23.41
CA GLY A 375 -2.28 -31.94 23.50
C GLY A 375 -1.48 -32.56 22.37
N ALA A 376 -1.56 -31.99 21.17
CA ALA A 376 -0.80 -32.52 20.05
C ALA A 376 0.69 -32.25 20.21
N ILE A 377 1.04 -31.14 20.85
CA ILE A 377 2.44 -30.86 21.17
C ILE A 377 3.00 -31.90 22.13
N GLU A 378 2.23 -32.21 23.19
CA GLU A 378 2.67 -33.25 24.12
C GLU A 378 2.86 -34.58 23.40
N GLN A 379 1.92 -34.94 22.52
CA GLN A 379 2.05 -36.20 21.80
C GLN A 379 3.29 -36.21 20.92
N ALA A 380 3.54 -35.13 20.20
CA ALA A 380 4.70 -35.08 19.33
C ALA A 380 5.99 -35.16 20.12
N ALA A 381 6.08 -34.40 21.21
CA ALA A 381 7.26 -34.47 22.06
C ALA A 381 7.48 -35.88 22.58
N GLY A 382 6.40 -36.58 22.93
CA GLY A 382 6.52 -37.96 23.39
C GLY A 382 7.11 -38.90 22.34
N LYS A 383 6.78 -38.67 21.06
CA LYS A 383 7.36 -39.49 20.00
C LYS A 383 8.86 -39.28 19.84
N LEU A 384 9.37 -38.14 20.30
CA LEU A 384 10.81 -37.90 20.31
C LEU A 384 11.45 -38.27 21.64
N GLY A 385 10.73 -38.98 22.51
CA GLY A 385 11.29 -39.39 23.78
C GLY A 385 11.31 -38.31 24.84
N ILE A 386 10.55 -37.25 24.64
CA ILE A 386 10.46 -36.16 25.61
C ILE A 386 9.13 -36.35 26.32
N GLN A 387 9.16 -37.12 27.41
CA GLN A 387 7.98 -37.43 28.20
C GLN A 387 7.74 -36.39 29.29
N ASP A 388 6.51 -36.35 29.78
CA ASP A 388 6.10 -35.47 30.87
C ASP A 388 6.47 -34.02 30.56
N LEU A 389 6.07 -33.57 29.37
CA LEU A 389 6.35 -32.19 28.99
C LEU A 389 5.75 -31.21 30.00
N LYS A 390 4.55 -31.50 30.46
CA LYS A 390 3.83 -30.66 31.42
C LYS A 390 3.86 -29.17 31.06
N PRO A 391 3.32 -28.80 29.90
CA PRO A 391 3.29 -27.37 29.54
C PRO A 391 2.54 -26.58 30.60
N ASP A 392 3.06 -25.40 30.92
CA ASP A 392 2.52 -24.62 32.02
C ASP A 392 1.12 -24.14 31.70
N ASN A 393 0.18 -24.41 32.61
CA ASN A 393 -1.20 -24.03 32.41
C ASN A 393 -1.58 -22.74 33.12
N ALA A 394 -0.62 -22.08 33.76
CA ALA A 394 -0.87 -20.82 34.47
C ALA A 394 -2.06 -20.94 35.41
N ASP A 395 -2.23 -22.14 35.98
CA ASP A 395 -3.25 -22.49 36.96
C ASP A 395 -4.68 -22.49 36.40
N HIS A 396 -4.85 -22.43 35.09
CA HIS A 396 -6.18 -22.48 34.50
C HIS A 396 -6.62 -23.91 34.26
N GLU A 397 -7.93 -24.12 34.40
CA GLU A 397 -8.57 -25.39 34.05
C GLU A 397 -9.23 -25.22 32.69
N PHE A 398 -9.00 -26.17 31.80
CA PHE A 398 -9.45 -26.02 30.42
C PHE A 398 -10.47 -27.08 29.98
N VAL B 2 -9.37 -42.37 -1.94
CA VAL B 2 -8.65 -42.46 -3.21
C VAL B 2 -7.62 -43.59 -3.14
N ASP B 3 -7.62 -44.44 -4.18
CA ASP B 3 -6.66 -45.52 -4.26
C ASP B 3 -5.26 -44.97 -4.47
N GLU B 4 -4.31 -45.44 -3.66
CA GLU B 4 -2.96 -44.86 -3.69
C GLU B 4 -2.24 -45.17 -4.98
N ALA B 5 -2.28 -46.43 -5.42
CA ALA B 5 -1.62 -46.80 -6.67
C ALA B 5 -2.20 -46.02 -7.85
N ALA B 6 -3.52 -45.86 -7.88
CA ALA B 6 -4.16 -45.08 -8.94
C ALA B 6 -3.70 -43.64 -8.93
N ALA B 7 -3.61 -43.04 -7.74
CA ALA B 7 -3.18 -41.65 -7.65
C ALA B 7 -1.70 -41.50 -8.00
N LYS B 8 -0.87 -42.46 -7.57
CA LYS B 8 0.54 -42.45 -7.97
C LYS B 8 0.69 -42.42 -9.49
N ALA B 9 -0.12 -43.21 -10.18
CA ALA B 9 -0.02 -43.28 -11.64
C ALA B 9 -0.41 -41.95 -12.27
N VAL B 10 -1.42 -41.28 -11.71
CA VAL B 10 -1.84 -39.98 -12.20
C VAL B 10 -0.73 -38.95 -12.00
N ILE B 11 -0.07 -38.98 -10.83
CA ILE B 11 0.98 -38.00 -10.55
C ILE B 11 2.17 -38.21 -11.49
N LYS B 12 2.52 -39.47 -11.77
CA LYS B 12 3.62 -39.73 -12.70
C LYS B 12 3.28 -39.25 -14.10
N ASN B 13 2.05 -39.51 -14.57
CA ASN B 13 1.67 -39.03 -15.89
C ASN B 13 1.67 -37.50 -15.93
N TYR B 14 1.25 -36.86 -14.84
CA TYR B 14 1.32 -35.41 -14.73
C TYR B 14 2.75 -34.91 -14.94
N ALA B 15 3.72 -35.56 -14.31
CA ALA B 15 5.11 -35.21 -14.51
C ALA B 15 5.53 -35.46 -15.95
N ASP B 16 5.01 -36.53 -16.58
CA ASP B 16 5.27 -36.75 -18.00
C ASP B 16 4.76 -35.58 -18.84
N LEU B 17 3.59 -35.04 -18.49
CA LEU B 17 3.06 -33.90 -19.23
C LEU B 17 4.00 -32.70 -19.11
N ALA B 18 4.46 -32.41 -17.90
CA ALA B 18 5.38 -31.30 -17.70
C ALA B 18 6.69 -31.53 -18.46
N GLU B 19 7.25 -32.74 -18.33
CA GLU B 19 8.47 -33.11 -19.03
C GLU B 19 8.37 -32.80 -20.52
N ALA B 20 7.29 -33.26 -21.15
CA ALA B 20 7.15 -33.07 -22.60
C ALA B 20 6.84 -31.62 -22.95
N THR B 21 6.07 -30.93 -22.10
CA THR B 21 5.76 -29.52 -22.40
C THR B 21 7.01 -28.66 -22.32
N PHE B 22 7.81 -28.82 -21.26
CA PHE B 22 9.04 -28.04 -21.17
C PHE B 22 10.09 -28.49 -22.19
N ALA B 23 10.12 -29.77 -22.55
CA ALA B 23 11.04 -30.19 -23.61
C ALA B 23 10.69 -29.54 -24.94
N ASP B 24 9.39 -29.45 -25.25
CA ASP B 24 8.95 -28.74 -26.45
C ASP B 24 9.27 -27.25 -26.35
N ALA B 25 9.13 -26.66 -25.16
CA ALA B 25 9.52 -25.26 -24.98
C ALA B 25 11.01 -25.08 -25.24
N LEU B 26 11.82 -26.03 -24.78
CA LEU B 26 13.27 -25.93 -24.97
C LEU B 26 13.63 -26.07 -26.45
N SER B 27 13.05 -27.05 -27.15
CA SER B 27 13.45 -27.25 -28.54
C SER B 27 13.00 -26.10 -29.42
N THR B 28 11.80 -25.54 -29.17
CA THR B 28 11.37 -24.38 -29.96
C THR B 28 12.18 -23.14 -29.59
N ALA B 29 12.62 -23.03 -28.32
CA ALA B 29 13.52 -21.94 -27.98
C ALA B 29 14.87 -22.06 -28.71
N LYS B 30 15.34 -23.29 -28.92
CA LYS B 30 16.56 -23.44 -29.71
C LYS B 30 16.32 -23.09 -31.18
N ASP B 31 15.13 -23.40 -31.71
CA ASP B 31 14.76 -22.93 -33.04
C ASP B 31 14.74 -21.42 -33.11
N LEU B 32 14.20 -20.77 -32.07
CA LEU B 32 14.23 -19.30 -32.00
C LEU B 32 15.66 -18.79 -31.94
N GLN B 33 16.51 -19.43 -31.15
CA GLN B 33 17.91 -19.02 -31.06
C GLN B 33 18.60 -19.08 -32.41
N LYS B 34 18.32 -20.12 -33.21
CA LYS B 34 18.89 -20.22 -34.54
C LYS B 34 18.40 -19.08 -35.45
N ALA B 35 17.10 -18.77 -35.38
CA ALA B 35 16.53 -17.72 -36.22
C ALA B 35 17.08 -16.35 -35.82
N ILE B 36 17.24 -16.13 -34.53
CA ILE B 36 17.81 -14.86 -34.08
C ILE B 36 19.28 -14.76 -34.48
N ASP B 37 20.05 -15.85 -34.34
CA ASP B 37 21.43 -15.82 -34.83
C ASP B 37 21.49 -15.45 -36.31
N ALA B 38 20.59 -16.04 -37.12
CA ALA B 38 20.57 -15.76 -38.55
C ALA B 38 20.17 -14.32 -38.83
N PHE B 39 19.21 -13.82 -38.08
CA PHE B 39 18.78 -12.43 -38.22
C PHE B 39 19.91 -11.46 -37.86
N LEU B 40 20.57 -11.70 -36.73
CA LEU B 40 21.67 -10.80 -36.36
C LEU B 40 22.82 -10.87 -37.36
N ALA B 41 23.02 -12.02 -38.01
CA ALA B 41 24.10 -12.13 -38.98
C ALA B 41 23.77 -11.40 -40.28
N LYS B 42 22.48 -11.36 -40.65
CA LYS B 42 22.04 -10.77 -41.91
C LYS B 42 20.66 -10.15 -41.69
N PRO B 43 20.60 -8.99 -41.04
CA PRO B 43 19.30 -8.41 -40.66
C PRO B 43 18.58 -7.82 -41.87
N ASP B 44 17.42 -8.40 -42.21
CA ASP B 44 16.60 -7.88 -43.29
C ASP B 44 15.16 -8.33 -43.06
N ALA B 45 14.27 -7.99 -44.01
CA ALA B 45 12.85 -8.30 -43.85
C ALA B 45 12.62 -9.79 -43.71
N GLU B 46 13.34 -10.60 -44.49
CA GLU B 46 13.15 -12.04 -44.47
C GLU B 46 13.61 -12.66 -43.14
N THR B 47 14.82 -12.32 -42.69
CA THR B 47 15.29 -12.92 -41.45
C THR B 47 14.53 -12.38 -40.25
N LEU B 48 14.07 -11.13 -40.31
CA LEU B 48 13.22 -10.60 -39.25
C LEU B 48 11.91 -11.38 -39.17
N LYS B 49 11.26 -11.59 -40.33
CA LYS B 49 10.02 -12.36 -40.34
C LYS B 49 10.23 -13.76 -39.78
N ALA B 50 11.34 -14.41 -40.17
CA ALA B 50 11.60 -15.76 -39.67
C ALA B 50 11.83 -15.77 -38.16
N ALA B 51 12.50 -14.75 -37.61
CA ALA B 51 12.68 -14.71 -36.16
C ALA B 51 11.35 -14.52 -35.44
N LYS B 52 10.49 -13.62 -35.96
CA LYS B 52 9.15 -13.44 -35.39
C LYS B 52 8.35 -14.73 -35.42
N GLU B 53 8.36 -15.43 -36.55
CA GLU B 53 7.60 -16.69 -36.64
C GLU B 53 8.16 -17.73 -35.67
N ALA B 54 9.49 -17.77 -35.47
CA ALA B 54 10.06 -18.67 -34.48
C ALA B 54 9.64 -18.28 -33.07
N TRP B 55 9.48 -16.99 -32.80
CA TRP B 55 9.00 -16.55 -31.50
C TRP B 55 7.57 -17.03 -31.28
N PHE B 56 6.71 -16.85 -32.28
CA PHE B 56 5.33 -17.34 -32.19
C PHE B 56 5.30 -18.83 -31.87
N ALA B 57 6.13 -19.61 -32.55
CA ALA B 57 6.14 -21.06 -32.36
C ALA B 57 6.68 -21.45 -30.98
N ALA B 58 7.64 -20.69 -30.44
CA ALA B 58 8.18 -20.98 -29.12
C ALA B 58 7.15 -20.74 -28.02
N ARG B 59 6.20 -19.81 -28.24
CA ARG B 59 5.22 -19.49 -27.22
C ARG B 59 4.24 -20.62 -26.98
N THR B 60 3.88 -21.39 -28.01
CA THR B 60 2.81 -22.38 -27.88
C THR B 60 3.09 -23.40 -26.79
N PRO B 61 4.23 -24.11 -26.77
CA PRO B 61 4.46 -25.01 -25.62
C PRO B 61 4.65 -24.28 -24.31
N TYR B 62 5.32 -23.12 -24.29
CA TYR B 62 5.55 -22.47 -23.01
C TYR B 62 4.24 -22.07 -22.34
N SER B 63 3.33 -21.46 -23.09
CA SER B 63 2.05 -21.07 -22.50
C SER B 63 1.29 -22.28 -21.97
N GLN B 64 1.49 -23.44 -22.59
CA GLN B 64 0.87 -24.66 -22.10
C GLN B 64 1.53 -25.23 -20.84
N SER B 65 2.63 -24.62 -20.38
CA SER B 65 3.26 -25.07 -19.14
C SER B 65 2.78 -24.33 -17.91
N GLU B 66 1.99 -23.27 -18.06
CA GLU B 66 1.88 -22.34 -16.94
C GLU B 66 0.91 -22.82 -15.87
N ALA B 67 0.07 -23.82 -16.12
CA ALA B 67 -0.73 -24.36 -15.03
C ALA B 67 0.07 -25.33 -14.15
N PHE B 68 1.33 -25.59 -14.49
CA PHE B 68 2.24 -26.26 -13.56
C PHE B 68 2.80 -25.28 -12.52
N ARG B 69 2.64 -23.97 -12.73
CA ARG B 69 3.00 -23.00 -11.71
C ARG B 69 2.10 -23.14 -10.49
N PHE B 70 2.47 -22.43 -9.41
CA PHE B 70 1.69 -22.31 -8.17
C PHE B 70 1.70 -23.61 -7.36
N GLY B 71 1.33 -24.74 -7.97
CA GLY B 71 1.46 -26.00 -7.27
C GLY B 71 2.90 -26.47 -7.15
N ASN B 72 3.75 -26.06 -8.08
CA ASN B 72 5.15 -26.48 -8.11
C ASN B 72 6.02 -25.24 -7.94
N ALA B 73 6.42 -24.96 -6.70
CA ALA B 73 7.07 -23.69 -6.36
C ALA B 73 8.37 -23.50 -7.13
N ILE B 74 9.05 -24.59 -7.50
CA ILE B 74 10.30 -24.46 -8.25
C ILE B 74 10.08 -23.66 -9.52
N ILE B 75 8.90 -23.78 -10.14
CA ILE B 75 8.62 -23.00 -11.33
C ILE B 75 8.38 -21.54 -10.99
N ASP B 76 7.64 -21.29 -9.89
CA ASP B 76 7.37 -19.91 -9.47
C ASP B 76 8.67 -19.16 -9.22
N ASP B 77 9.65 -19.80 -8.59
CA ASP B 77 10.91 -19.14 -8.28
C ASP B 77 11.76 -18.90 -9.53
N TRP B 78 11.42 -19.56 -10.64
CA TRP B 78 12.20 -19.57 -11.86
C TRP B 78 11.61 -18.73 -12.98
N GLU B 79 10.29 -18.59 -13.03
CA GLU B 79 9.64 -18.03 -14.21
C GLU B 79 9.80 -16.52 -14.31
N GLY B 80 10.12 -15.81 -13.22
CA GLY B 80 10.28 -14.37 -13.29
C GLY B 80 11.38 -13.90 -14.22
N GLN B 81 12.35 -14.75 -14.49
CA GLN B 81 13.43 -14.49 -15.44
C GLN B 81 13.08 -14.93 -16.85
N VAL B 82 11.97 -15.65 -17.01
CA VAL B 82 11.61 -16.29 -18.27
C VAL B 82 10.42 -15.62 -18.93
N ASN B 83 9.41 -15.23 -18.14
CA ASN B 83 8.15 -14.79 -18.75
C ASN B 83 7.52 -13.63 -17.99
N ALA B 84 8.33 -12.78 -17.34
CA ALA B 84 7.76 -11.67 -16.60
C ALA B 84 7.17 -10.63 -17.55
N TRP B 85 6.15 -9.94 -17.06
CA TRP B 85 5.40 -8.96 -17.84
C TRP B 85 4.51 -8.22 -16.85
N PRO B 86 4.08 -7.00 -17.17
CA PRO B 86 4.45 -6.20 -18.35
C PRO B 86 5.85 -5.61 -18.27
N LEU B 87 6.35 -5.15 -19.41
CA LEU B 87 7.58 -4.37 -19.46
C LEU B 87 7.29 -2.88 -19.36
N ASP B 88 8.14 -2.18 -18.58
CA ASP B 88 8.48 -0.78 -18.87
C ASP B 88 9.67 -0.81 -19.82
N GLU B 89 9.35 -0.92 -21.11
CA GLU B 89 10.36 -1.25 -22.11
C GLU B 89 11.44 -0.18 -22.27
N GLY B 90 11.23 1.02 -21.72
CA GLY B 90 12.26 2.05 -21.75
C GLY B 90 13.48 1.74 -20.90
N LEU B 91 13.39 0.72 -20.05
CA LEU B 91 14.56 0.13 -19.42
C LEU B 91 15.57 -0.32 -20.48
N ILE B 92 15.08 -0.88 -21.58
CA ILE B 92 15.93 -1.59 -22.53
C ILE B 92 16.38 -0.70 -23.68
N ASP B 93 15.46 0.03 -24.32
CA ASP B 93 15.75 0.64 -25.61
C ASP B 93 14.96 1.94 -25.71
N TYR B 94 15.07 2.61 -26.86
CA TYR B 94 14.36 3.89 -27.07
C TYR B 94 12.85 3.69 -27.04
N VAL B 95 12.14 4.76 -26.71
CA VAL B 95 10.67 4.76 -26.66
C VAL B 95 10.14 6.03 -27.32
N ALA B 96 8.86 5.97 -27.73
CA ALA B 96 8.17 7.12 -28.28
C ALA B 96 7.74 8.08 -27.18
N LYS B 97 7.28 9.28 -27.60
CA LYS B 97 6.92 10.32 -26.65
C LYS B 97 5.70 9.97 -25.80
N ASP B 98 4.79 9.15 -26.31
CA ASP B 98 3.60 8.79 -25.55
C ASP B 98 3.80 7.54 -24.70
N TYR B 99 5.05 7.14 -24.48
CA TYR B 99 5.40 6.00 -23.63
C TYR B 99 4.76 6.12 -22.25
N GLN B 100 4.02 5.08 -21.87
CA GLN B 100 3.40 5.01 -20.55
C GLN B 100 4.13 3.96 -19.72
N HIS B 101 4.46 4.31 -18.49
CA HIS B 101 5.23 3.43 -17.62
C HIS B 101 4.70 3.52 -16.19
N ALA B 102 5.18 2.63 -15.34
CA ALA B 102 4.70 2.59 -13.96
C ALA B 102 5.15 3.82 -13.19
N LEU B 103 4.32 4.24 -12.24
CA LEU B 103 4.75 5.21 -11.25
C LEU B 103 5.81 4.62 -10.34
N GLY B 104 6.73 5.47 -9.89
CA GLY B 104 7.72 5.03 -8.94
C GLY B 104 8.77 4.09 -9.49
N ASN B 105 8.96 4.07 -10.82
CA ASN B 105 9.95 3.18 -11.42
C ASN B 105 11.17 3.97 -11.86
N PRO B 106 12.28 3.91 -11.11
CA PRO B 106 13.47 4.70 -11.49
C PRO B 106 14.20 4.15 -12.71
N GLY B 107 13.86 2.97 -13.19
CA GLY B 107 14.50 2.41 -14.36
C GLY B 107 13.70 2.54 -15.64
N ALA B 108 12.53 3.18 -15.60
CA ALA B 108 11.61 3.19 -16.73
C ALA B 108 12.21 3.84 -17.97
N THR B 109 13.21 4.71 -17.83
CA THR B 109 13.85 5.29 -19.02
C THR B 109 15.36 5.12 -18.98
N ALA B 110 15.83 4.04 -18.35
CA ALA B 110 17.28 3.83 -18.22
C ALA B 110 17.96 3.65 -19.57
N ASN B 111 17.30 2.97 -20.51
CA ASN B 111 17.78 2.78 -21.89
C ASN B 111 19.16 2.11 -21.91
N ILE B 112 19.16 0.81 -21.55
CA ILE B 112 20.41 0.05 -21.46
C ILE B 112 21.13 0.04 -22.80
N VAL B 113 20.38 -0.14 -23.90
CA VAL B 113 20.99 -0.20 -25.22
C VAL B 113 21.79 1.08 -25.51
N ALA B 114 21.27 2.24 -25.13
CA ALA B 114 21.94 3.49 -25.44
C ALA B 114 23.08 3.85 -24.48
N ASN B 115 23.14 3.24 -23.30
CA ASN B 115 24.04 3.69 -22.25
C ASN B 115 24.92 2.56 -21.75
N THR B 116 26.22 2.83 -21.57
CA THR B 116 27.10 1.84 -20.95
C THR B 116 27.03 1.89 -19.43
N GLU B 117 26.30 2.84 -18.88
CA GLU B 117 26.15 2.97 -17.44
C GLU B 117 24.75 3.50 -17.16
N ILE B 118 24.08 2.89 -16.19
CA ILE B 118 22.75 3.33 -15.76
C ILE B 118 22.78 3.53 -14.25
N GLN B 119 21.75 4.18 -13.73
CA GLN B 119 21.68 4.43 -12.29
C GLN B 119 20.24 4.56 -11.85
N VAL B 120 19.90 3.84 -10.78
CA VAL B 120 18.62 4.04 -10.11
C VAL B 120 18.77 4.45 -8.65
N GLY B 121 19.92 4.21 -8.01
CA GLY B 121 20.13 4.53 -6.62
C GLY B 121 21.39 5.36 -6.43
N GLU B 122 22.07 5.09 -5.30
CA GLU B 122 23.27 5.86 -4.95
C GLU B 122 24.44 5.57 -5.89
N ASP B 123 24.52 4.34 -6.41
CA ASP B 123 25.70 3.89 -7.13
C ASP B 123 25.36 3.60 -8.58
N LYS B 124 26.35 3.81 -9.43
CA LYS B 124 26.21 3.54 -10.85
C LYS B 124 26.31 2.05 -11.11
N ILE B 125 25.67 1.61 -12.18
CA ILE B 125 25.62 0.21 -12.58
C ILE B 125 26.31 0.09 -13.93
N ASP B 126 27.31 -0.79 -14.02
CA ASP B 126 28.08 -0.96 -15.24
C ASP B 126 27.38 -1.96 -16.16
N VAL B 127 26.98 -1.51 -17.35
CA VAL B 127 26.35 -2.39 -18.32
C VAL B 127 27.12 -2.30 -19.63
N LYS B 128 28.40 -2.02 -19.50
CA LYS B 128 29.26 -1.90 -20.66
C LYS B 128 29.31 -3.21 -21.45
N GLU B 129 29.54 -4.32 -20.75
CA GLU B 129 29.52 -5.65 -21.35
C GLU B 129 28.16 -6.27 -21.07
N ILE B 130 27.37 -6.47 -22.10
CA ILE B 130 26.02 -7.01 -21.97
C ILE B 130 26.12 -8.53 -21.98
N THR B 131 25.79 -9.14 -20.85
CA THR B 131 25.76 -10.59 -20.71
C THR B 131 24.42 -11.02 -20.14
N GLY B 132 24.09 -12.30 -20.29
CA GLY B 132 22.87 -12.82 -19.70
C GLY B 132 22.83 -12.66 -18.19
N GLU B 133 23.96 -12.90 -17.53
CA GLU B 133 24.01 -12.76 -16.07
C GLU B 133 23.75 -11.32 -15.65
N LYS B 134 24.39 -10.37 -16.32
CA LYS B 134 24.20 -8.96 -15.97
C LYS B 134 22.74 -8.55 -16.16
N LEU B 135 22.12 -8.97 -17.28
CA LEU B 135 20.75 -8.58 -17.53
C LEU B 135 19.80 -9.22 -16.51
N ALA B 136 20.02 -10.48 -16.17
CA ALA B 136 19.22 -11.14 -15.14
C ALA B 136 19.27 -10.36 -13.83
N SER B 137 20.42 -9.78 -13.49
CA SER B 137 20.51 -9.02 -12.24
C SER B 137 19.71 -7.73 -12.28
N LEU B 138 19.24 -7.31 -13.45
CA LEU B 138 18.47 -6.07 -13.55
C LEU B 138 16.96 -6.30 -13.54
N ASN B 139 16.50 -7.54 -13.51
CA ASN B 139 15.08 -7.78 -13.30
C ASN B 139 14.64 -7.22 -11.96
N GLU B 140 13.54 -6.47 -11.96
CA GLU B 140 12.97 -5.82 -10.77
C GLU B 140 13.95 -4.81 -10.18
N LEU B 141 14.80 -4.24 -11.05
CA LEU B 141 15.76 -3.22 -10.65
C LEU B 141 15.08 -2.10 -9.86
N GLY B 142 15.73 -1.68 -8.78
CA GLY B 142 15.19 -0.63 -7.95
C GLY B 142 13.89 -0.97 -7.26
N GLY B 143 13.55 -2.25 -7.19
CA GLY B 143 12.33 -2.68 -6.53
C GLY B 143 11.07 -2.57 -7.36
N SER B 144 11.16 -2.15 -8.61
CA SER B 144 9.98 -1.99 -9.45
C SER B 144 9.77 -3.25 -10.29
N GLU B 145 8.62 -3.90 -10.10
CA GLU B 145 8.35 -5.13 -10.84
C GLU B 145 8.20 -4.89 -12.34
N ALA B 146 7.93 -3.65 -12.75
CA ALA B 146 7.81 -3.37 -14.17
C ALA B 146 9.15 -3.41 -14.90
N ASN B 147 10.26 -3.44 -14.18
CA ASN B 147 11.57 -3.56 -14.82
C ASN B 147 11.81 -5.02 -15.16
N VAL B 148 11.59 -5.36 -16.41
CA VAL B 148 11.81 -6.71 -16.92
C VAL B 148 12.90 -6.61 -17.97
N ALA B 149 14.04 -7.26 -17.71
CA ALA B 149 15.18 -7.16 -18.60
C ALA B 149 15.40 -8.41 -19.44
N THR B 150 14.78 -9.54 -19.09
CA THR B 150 15.04 -10.82 -19.74
C THR B 150 13.73 -11.52 -20.08
N GLY B 151 13.82 -12.62 -20.82
CA GLY B 151 12.68 -13.50 -21.04
C GLY B 151 11.99 -13.28 -22.37
N TYR B 152 10.88 -14.01 -22.55
CA TYR B 152 10.16 -14.02 -23.82
C TYR B 152 9.79 -12.61 -24.26
N HIS B 153 9.39 -11.76 -23.31
CA HIS B 153 8.87 -10.45 -23.68
C HIS B 153 9.96 -9.40 -23.87
N ALA B 154 11.14 -9.62 -23.30
CA ALA B 154 12.28 -8.82 -23.71
C ALA B 154 12.66 -9.12 -25.15
N ILE B 155 12.70 -10.40 -25.52
CA ILE B 155 12.93 -10.77 -26.92
C ILE B 155 11.85 -10.17 -27.80
N GLU B 156 10.58 -10.30 -27.35
CA GLU B 156 9.45 -9.76 -28.08
C GLU B 156 9.65 -8.27 -28.38
N PHE B 157 9.97 -7.49 -27.33
CA PHE B 157 10.20 -6.06 -27.53
C PHE B 157 11.33 -5.81 -28.52
N LEU B 158 12.41 -6.60 -28.45
CA LEU B 158 13.56 -6.36 -29.30
C LEU B 158 13.30 -6.73 -30.75
N LEU B 159 12.35 -7.63 -31.01
CA LEU B 159 12.03 -7.94 -32.40
C LEU B 159 10.97 -7.01 -32.98
N TRP B 160 9.92 -6.67 -32.20
CA TRP B 160 8.79 -5.88 -32.69
C TRP B 160 8.87 -4.39 -32.38
N GLY B 161 9.55 -4.00 -31.31
CA GLY B 161 9.48 -2.62 -30.84
C GLY B 161 8.11 -2.32 -30.24
N GLN B 162 7.95 -1.07 -29.80
CA GLN B 162 6.67 -0.66 -29.21
C GLN B 162 5.54 -0.81 -30.23
N ASP B 163 4.36 -1.19 -29.73
CA ASP B 163 3.15 -1.16 -30.54
C ASP B 163 2.62 0.27 -30.50
N LEU B 164 2.88 1.02 -31.58
CA LEU B 164 2.49 2.44 -31.63
C LEU B 164 1.06 2.64 -32.08
N ASN B 165 0.29 1.58 -32.32
CA ASN B 165 -1.07 1.70 -32.82
C ASN B 165 -2.12 1.73 -31.72
N GLY B 166 -1.70 1.62 -30.45
CA GLY B 166 -2.60 1.61 -29.32
C GLY B 166 -3.79 0.69 -29.43
N THR B 167 -4.97 1.28 -29.55
CA THR B 167 -6.23 0.58 -29.63
C THR B 167 -6.56 0.12 -31.05
N GLY B 168 -5.79 0.53 -32.05
CA GLY B 168 -6.12 0.28 -33.43
C GLY B 168 -5.42 -0.93 -34.01
N PRO B 169 -5.61 -1.16 -35.32
CA PRO B 169 -4.94 -2.29 -35.97
C PRO B 169 -3.43 -2.09 -36.00
N GLY B 170 -2.71 -3.19 -35.84
CA GLY B 170 -1.27 -3.19 -36.02
C GLY B 170 -0.52 -3.45 -34.73
N ALA B 171 0.69 -4.02 -34.86
CA ALA B 171 1.57 -4.39 -33.77
C ALA B 171 2.82 -3.50 -33.82
N GLY B 172 3.85 -3.89 -33.07
CA GLY B 172 5.14 -3.25 -33.26
C GLY B 172 5.63 -3.36 -34.69
N ASN B 173 6.46 -2.40 -35.11
CA ASN B 173 6.93 -2.34 -36.49
C ASN B 173 8.40 -1.94 -36.56
N ARG B 174 9.21 -2.41 -35.61
CA ARG B 174 10.63 -2.06 -35.58
C ARG B 174 11.33 -2.47 -36.87
N PRO B 175 12.07 -1.58 -37.52
CA PRO B 175 12.76 -1.96 -38.76
C PRO B 175 13.94 -2.88 -38.49
N ALA B 176 14.24 -3.73 -39.48
CA ALA B 176 15.39 -4.62 -39.36
C ALA B 176 16.70 -3.86 -39.27
N THR B 177 16.74 -2.61 -39.76
CA THR B 177 17.96 -1.81 -39.73
C THR B 177 18.36 -1.39 -38.33
N ASP B 178 17.47 -1.55 -37.33
CA ASP B 178 17.88 -1.39 -35.93
C ASP B 178 18.96 -2.39 -35.52
N TYR B 179 19.27 -3.37 -36.37
CA TYR B 179 20.33 -4.33 -36.11
C TYR B 179 21.42 -4.31 -37.17
N ALA B 180 21.37 -3.34 -38.08
CA ALA B 180 22.42 -3.17 -39.07
C ALA B 180 23.61 -2.48 -38.44
N GLN B 181 24.81 -2.99 -38.71
CA GLN B 181 26.01 -2.44 -38.11
C GLN B 181 26.61 -1.35 -39.00
N GLY B 182 27.21 -0.34 -38.37
CA GLY B 182 27.90 0.72 -39.09
C GLY B 182 27.03 1.86 -39.60
N LYS B 183 27.22 2.22 -40.87
CA LYS B 183 26.53 3.37 -41.46
C LYS B 183 25.01 3.19 -41.55
N ASP B 184 24.52 1.96 -41.72
CA ASP B 184 23.11 1.70 -41.96
C ASP B 184 22.29 1.58 -40.67
N CYS B 185 22.92 1.61 -39.50
CA CYS B 185 22.20 1.47 -38.24
C CYS B 185 21.11 2.53 -38.11
N THR B 186 19.93 2.09 -37.65
CA THR B 186 18.86 3.00 -37.25
C THR B 186 18.56 2.80 -35.77
N GLY B 187 18.03 3.85 -35.14
CA GLY B 187 17.75 3.79 -33.71
C GLY B 187 18.95 3.98 -32.81
N GLY B 188 20.16 4.01 -33.37
CA GLY B 188 21.37 4.20 -32.59
C GLY B 188 21.84 2.93 -31.90
N HIS B 189 23.16 2.82 -31.69
CA HIS B 189 23.74 1.80 -30.81
C HIS B 189 23.32 0.40 -31.22
N CYS B 190 23.36 0.12 -32.54
CA CYS B 190 22.91 -1.18 -33.02
C CYS B 190 23.83 -2.31 -32.57
N ASP B 191 25.10 -2.00 -32.28
CA ASP B 191 25.97 -3.05 -31.76
C ASP B 191 25.49 -3.51 -30.38
N ARG B 192 25.13 -2.57 -29.51
CA ARG B 192 24.60 -2.94 -28.20
C ARG B 192 23.22 -3.57 -28.31
N ARG B 193 22.39 -3.11 -29.25
CA ARG B 193 21.08 -3.73 -29.43
C ARG B 193 21.22 -5.19 -29.83
N ALA B 194 22.13 -5.47 -30.78
CA ALA B 194 22.36 -6.85 -31.20
C ALA B 194 22.90 -7.71 -30.06
N ALA B 195 23.81 -7.16 -29.26
CA ALA B 195 24.36 -7.92 -28.14
C ALA B 195 23.28 -8.20 -27.09
N TYR B 196 22.39 -7.24 -26.85
CA TYR B 196 21.29 -7.47 -25.91
C TYR B 196 20.40 -8.59 -26.39
N LEU B 197 19.97 -8.55 -27.67
CA LEU B 197 19.08 -9.58 -28.18
C LEU B 197 19.76 -10.96 -28.14
N LYS B 198 21.04 -11.02 -28.50
CA LYS B 198 21.76 -12.29 -28.42
C LYS B 198 21.82 -12.80 -26.99
N ALA B 199 22.10 -11.92 -26.04
CA ALA B 199 22.28 -12.34 -24.64
C ALA B 199 20.98 -12.91 -24.07
N VAL B 200 19.87 -12.19 -24.22
CA VAL B 200 18.62 -12.67 -23.62
C VAL B 200 18.10 -13.92 -24.33
N THR B 201 18.39 -14.06 -25.63
CA THR B 201 17.99 -15.27 -26.33
C THR B 201 18.74 -16.49 -25.80
N ASP B 202 20.07 -16.36 -25.63
CA ASP B 202 20.85 -17.46 -25.08
C ASP B 202 20.44 -17.76 -23.64
N LEU B 203 20.12 -16.72 -22.85
CA LEU B 203 19.70 -16.92 -21.46
C LEU B 203 18.37 -17.69 -21.39
N LEU B 204 17.43 -17.38 -22.28
CA LEU B 204 16.18 -18.12 -22.35
C LEU B 204 16.45 -19.62 -22.55
N VAL B 205 17.34 -19.96 -23.51
CA VAL B 205 17.63 -21.36 -23.77
C VAL B 205 18.22 -22.03 -22.55
N SER B 206 19.15 -21.34 -21.89
CA SER B 206 19.78 -21.86 -20.69
C SER B 206 18.77 -22.08 -19.57
N ASP B 207 17.88 -21.12 -19.36
CA ASP B 207 16.84 -21.29 -18.34
C ASP B 207 15.92 -22.46 -18.67
N LEU B 208 15.56 -22.63 -19.95
CA LEU B 208 14.66 -23.74 -20.29
C LEU B 208 15.38 -25.08 -20.20
N GLU B 209 16.71 -25.09 -20.37
CA GLU B 209 17.42 -26.35 -20.23
C GLU B 209 17.39 -26.83 -18.79
N TYR B 210 17.58 -25.91 -17.85
CA TYR B 210 17.42 -26.22 -16.44
C TYR B 210 16.04 -26.81 -16.18
N ALA B 212 13.62 -28.06 -18.17
CA ALA B 212 13.36 -29.35 -18.81
C ALA B 212 14.02 -30.49 -18.04
N GLY B 213 15.25 -30.28 -17.55
CA GLY B 213 15.93 -31.32 -16.79
C GLY B 213 15.30 -31.60 -15.44
N GLN B 214 14.64 -30.61 -14.84
CA GLN B 214 14.01 -30.81 -13.53
C GLN B 214 12.81 -31.76 -13.61
N TRP B 215 12.30 -32.02 -14.81
CA TRP B 215 11.12 -32.86 -14.99
C TRP B 215 11.42 -34.17 -15.70
N LYS B 216 12.69 -34.43 -15.99
CA LYS B 216 13.09 -35.66 -16.66
C LYS B 216 12.81 -36.87 -15.77
N ALA B 217 12.29 -37.93 -16.37
CA ALA B 217 11.94 -39.14 -15.64
C ALA B 217 13.20 -39.90 -15.19
N GLY B 218 13.07 -40.62 -14.08
CA GLY B 218 14.11 -41.55 -13.66
C GLY B 218 15.42 -40.92 -13.24
N VAL B 219 15.37 -39.71 -12.69
CA VAL B 219 16.54 -39.00 -12.18
C VAL B 219 16.44 -38.99 -10.66
N ALA B 220 17.55 -39.30 -9.98
CA ALA B 220 17.48 -39.56 -8.54
C ALA B 220 17.23 -38.30 -7.72
N ASP B 221 17.59 -37.12 -8.25
CA ASP B 221 17.73 -35.96 -7.38
C ASP B 221 17.16 -34.68 -7.99
N ASN B 222 16.21 -34.76 -8.91
CA ASN B 222 15.60 -33.56 -9.46
C ASN B 222 14.21 -33.36 -8.84
N TYR B 223 13.55 -32.27 -9.22
CA TYR B 223 12.27 -31.94 -8.61
C TYR B 223 11.24 -33.04 -8.84
N ARG B 224 11.24 -33.63 -10.04
CA ARG B 224 10.28 -34.70 -10.33
C ARG B 224 10.46 -35.86 -9.35
N ALA B 225 11.69 -36.20 -9.00
CA ALA B 225 11.93 -37.26 -8.03
C ALA B 225 11.33 -36.90 -6.68
N LYS B 226 11.41 -35.62 -6.30
CA LYS B 226 10.77 -35.18 -5.05
C LYS B 226 9.26 -35.31 -5.16
N LEU B 227 8.69 -34.87 -6.28
CA LEU B 227 7.24 -34.88 -6.45
C LEU B 227 6.68 -36.30 -6.38
N GLU B 228 7.32 -37.23 -7.09
CA GLU B 228 6.81 -38.59 -7.13
C GLU B 228 6.94 -39.29 -5.78
N ALA B 229 7.87 -38.88 -4.92
CA ALA B 229 8.03 -39.49 -3.61
C ALA B 229 7.11 -38.86 -2.55
N GLU B 230 6.54 -37.69 -2.82
CA GLU B 230 5.68 -37.03 -1.85
C GLU B 230 4.36 -37.80 -1.70
N PRO B 231 3.69 -37.68 -0.54
CA PRO B 231 2.40 -38.35 -0.37
C PRO B 231 1.44 -37.98 -1.49
N VAL B 232 0.60 -38.94 -1.89
CA VAL B 232 -0.24 -38.70 -3.07
C VAL B 232 -1.20 -37.55 -2.81
N ASP B 233 -1.61 -37.36 -1.55
CA ASP B 233 -2.46 -36.22 -1.21
C ASP B 233 -1.77 -34.89 -1.52
N THR B 234 -0.46 -34.82 -1.29
CA THR B 234 0.30 -33.63 -1.63
C THR B 234 0.39 -33.44 -3.14
N GLY B 235 0.62 -34.52 -3.89
CA GLY B 235 0.71 -34.41 -5.33
C GLY B 235 -0.61 -34.00 -5.97
N LEU B 236 -1.72 -34.59 -5.53
CA LEU B 236 -3.02 -34.25 -6.11
C LEU B 236 -3.39 -32.80 -5.80
N ARG B 237 -3.09 -32.33 -4.60
CA ARG B 237 -3.34 -30.93 -4.28
C ARG B 237 -2.52 -30.01 -5.19
N LYS B 238 -1.26 -30.34 -5.44
CA LYS B 238 -0.43 -29.52 -6.34
C LYS B 238 -1.06 -29.44 -7.73
N PHE B 240 -4.38 -29.81 -8.65
CA PHE B 240 -5.56 -28.95 -8.56
C PHE B 240 -5.18 -27.49 -8.29
N PHE B 241 -4.17 -27.27 -7.45
CA PHE B 241 -3.86 -25.91 -7.06
C PHE B 241 -3.27 -25.12 -8.23
N GLY B 242 -2.46 -25.77 -9.06
CA GLY B 242 -1.98 -25.11 -10.28
C GLY B 242 -3.09 -24.84 -11.27
N GLY B 244 -6.32 -24.35 -10.53
CA GLY B 244 -7.20 -23.31 -10.05
C GLY B 244 -6.53 -21.95 -9.97
N SER B 245 -5.25 -21.92 -9.57
CA SER B 245 -4.57 -20.63 -9.44
C SER B 245 -4.28 -20.01 -10.80
N LEU B 246 -3.99 -20.81 -11.82
CA LEU B 246 -3.89 -20.24 -13.16
C LEU B 246 -5.25 -19.76 -13.63
N SER B 247 -6.30 -20.58 -13.45
CA SER B 247 -7.64 -20.24 -13.91
C SER B 247 -8.09 -18.89 -13.38
N LEU B 248 -7.90 -18.68 -12.07
CA LEU B 248 -8.52 -17.56 -11.38
C LEU B 248 -7.62 -16.35 -11.34
N GLY B 249 -6.62 -16.36 -10.45
CA GLY B 249 -5.80 -15.18 -10.25
C GLY B 249 -5.05 -14.76 -11.51
N GLU B 250 -4.38 -15.71 -12.16
CA GLU B 250 -3.42 -15.34 -13.19
C GLU B 250 -4.08 -15.11 -14.55
N LEU B 251 -4.88 -16.07 -15.01
CA LEU B 251 -5.48 -15.96 -16.34
C LEU B 251 -6.69 -15.03 -16.33
N ALA B 252 -7.71 -15.37 -15.56
CA ALA B 252 -8.89 -14.51 -15.49
C ALA B 252 -8.55 -13.14 -14.92
N GLY B 253 -7.73 -13.10 -13.86
CA GLY B 253 -7.42 -11.86 -13.21
C GLY B 253 -6.34 -11.03 -13.88
N GLU B 254 -5.10 -11.50 -13.80
CA GLU B 254 -3.96 -10.66 -14.19
C GLU B 254 -3.89 -10.43 -15.70
N ARG B 255 -4.26 -11.42 -16.50
CA ARG B 255 -4.09 -11.35 -17.96
C ARG B 255 -5.35 -10.98 -18.71
N LYS B 257 -8.82 -9.53 -16.78
CA LYS B 257 -9.56 -8.54 -16.00
C LYS B 257 -8.81 -7.21 -15.92
N VAL B 258 -7.50 -7.27 -15.66
CA VAL B 258 -6.73 -6.03 -15.45
C VAL B 258 -6.75 -5.16 -16.71
N ALA B 259 -6.40 -5.74 -17.86
CA ALA B 259 -6.35 -4.96 -19.09
C ALA B 259 -7.74 -4.53 -19.52
N LEU B 260 -8.74 -5.39 -19.31
CA LEU B 260 -10.09 -5.07 -19.76
C LEU B 260 -10.67 -3.91 -18.96
N GLU B 261 -10.57 -3.95 -17.64
CA GLU B 261 -11.29 -2.97 -16.83
C GLU B 261 -10.65 -1.59 -16.91
N ALA B 262 -9.37 -1.50 -17.24
CA ALA B 262 -8.72 -0.21 -17.46
C ALA B 262 -8.63 0.16 -18.93
N ASN B 263 -9.17 -0.67 -19.83
CA ASN B 263 -9.00 -0.51 -21.28
C ASN B 263 -7.54 -0.21 -21.61
N SER B 264 -6.66 -0.99 -21.00
CA SER B 264 -5.24 -0.67 -20.90
C SER B 264 -4.43 -1.60 -21.82
N THR B 265 -4.06 -1.10 -23.00
CA THR B 265 -3.28 -1.95 -23.90
C THR B 265 -1.88 -2.20 -23.35
N GLU B 266 -1.35 -1.26 -22.56
CA GLU B 266 -0.03 -1.44 -21.97
C GLU B 266 0.00 -2.61 -21.00
N ASP B 267 -1.16 -3.09 -20.55
CA ASP B 267 -1.24 -4.22 -19.63
C ASP B 267 -1.47 -5.56 -20.32
N GLU B 268 -1.52 -5.61 -21.65
CA GLU B 268 -1.75 -6.90 -22.30
C GLU B 268 -0.48 -7.75 -22.27
N HIS B 269 -0.65 -9.08 -22.20
CA HIS B 269 0.49 -9.97 -21.97
C HIS B 269 1.53 -9.85 -23.08
N ASP B 270 1.11 -9.90 -24.34
CA ASP B 270 2.02 -9.83 -25.49
C ASP B 270 1.80 -8.50 -26.19
N CYS B 271 2.35 -7.45 -25.57
CA CYS B 271 2.05 -6.06 -25.92
C CYS B 271 2.51 -5.71 -27.33
N PHE B 272 3.70 -6.20 -27.72
CA PHE B 272 4.41 -5.75 -28.91
C PHE B 272 4.11 -6.59 -30.14
N SER B 273 3.96 -7.89 -29.96
CA SER B 273 3.62 -8.80 -31.05
C SER B 273 2.12 -8.94 -31.28
N ASP B 274 1.31 -8.47 -30.33
CA ASP B 274 -0.15 -8.66 -30.32
C ASP B 274 -0.52 -10.13 -30.39
N ASP B 275 0.26 -10.98 -29.72
CA ASP B 275 -0.02 -12.41 -29.68
C ASP B 275 -0.86 -12.82 -28.47
N THR B 276 -1.48 -11.85 -27.79
CA THR B 276 -2.09 -12.12 -26.49
C THR B 276 -3.17 -13.20 -26.59
N HIS B 277 -3.93 -13.22 -27.69
CA HIS B 277 -4.98 -14.21 -27.85
C HIS B 277 -4.43 -15.63 -27.74
N HIS B 278 -3.24 -15.87 -28.29
CA HIS B 278 -2.66 -17.21 -28.22
C HIS B 278 -2.18 -17.55 -26.81
N THR B 279 -1.57 -16.60 -26.10
CA THR B 279 -1.19 -16.84 -24.72
C THR B 279 -2.40 -17.26 -23.89
N LEU B 280 -3.47 -16.48 -23.95
CA LEU B 280 -4.67 -16.80 -23.20
C LEU B 280 -5.19 -18.18 -23.55
N PHE B 281 -5.23 -18.50 -24.85
CA PHE B 281 -5.79 -19.79 -25.26
C PHE B 281 -4.96 -20.95 -24.73
N PHE B 282 -3.64 -20.87 -24.90
CA PHE B 282 -2.82 -22.00 -24.51
C PHE B 282 -2.58 -22.05 -23.00
N ASN B 283 -2.74 -20.93 -22.28
CA ASN B 283 -2.90 -20.98 -20.84
C ASN B 283 -4.12 -21.83 -20.45
N GLY B 284 -5.26 -21.56 -21.10
CA GLY B 284 -6.43 -22.36 -20.86
C GLY B 284 -6.21 -23.83 -21.19
N LYS B 285 -5.52 -24.10 -22.29
CA LYS B 285 -5.21 -25.48 -22.66
C LYS B 285 -4.35 -26.17 -21.60
N SER B 286 -3.42 -25.43 -20.98
CA SER B 286 -2.60 -26.01 -19.93
C SER B 286 -3.45 -26.62 -18.83
N ILE B 287 -4.47 -25.88 -18.40
CA ILE B 287 -5.36 -26.35 -17.33
C ILE B 287 -6.08 -27.62 -17.77
N ARG B 288 -6.64 -27.60 -18.99
CA ARG B 288 -7.39 -28.74 -19.48
C ARG B 288 -6.48 -29.94 -19.72
N ASN B 289 -5.27 -29.70 -20.23
CA ASN B 289 -4.28 -30.79 -20.40
C ASN B 289 -4.05 -31.54 -19.10
N ILE B 290 -3.86 -30.78 -18.02
CA ILE B 290 -3.54 -31.39 -16.74
C ILE B 290 -4.71 -32.23 -16.22
N TYR B 291 -5.93 -31.73 -16.35
CA TYR B 291 -7.09 -32.48 -15.84
C TYR B 291 -7.32 -33.75 -16.65
N LEU B 292 -7.24 -33.67 -17.98
CA LEU B 292 -7.53 -34.82 -18.83
C LEU B 292 -6.34 -35.76 -19.00
N GLY B 293 -5.18 -35.40 -18.48
CA GLY B 293 -4.01 -36.26 -18.55
C GLY B 293 -3.36 -36.35 -19.91
N GLU B 294 -3.45 -35.30 -20.73
CA GLU B 294 -3.05 -35.38 -22.13
C GLU B 294 -2.37 -34.09 -22.59
N TYR B 295 -1.30 -34.23 -23.35
CA TYR B 295 -0.63 -33.08 -23.96
C TYR B 295 -0.27 -33.43 -25.39
N LYS B 296 -0.86 -32.71 -26.35
CA LYS B 296 -0.52 -32.91 -27.75
C LYS B 296 0.75 -32.11 -28.06
N ARG B 297 1.83 -32.83 -28.42
CA ARG B 297 3.15 -32.23 -28.61
C ARG B 297 3.21 -31.40 -29.89
N ILE B 298 4.30 -30.63 -30.03
CA ILE B 298 4.47 -29.77 -31.19
C ILE B 298 4.60 -30.59 -32.47
N ASP B 299 5.07 -31.84 -32.37
CA ASP B 299 5.19 -32.66 -33.57
C ASP B 299 3.91 -33.44 -33.90
N GLY B 300 2.82 -33.22 -33.16
CA GLY B 300 1.58 -33.91 -33.40
C GLY B 300 1.38 -35.18 -32.58
N SER B 301 2.44 -35.79 -32.06
CA SER B 301 2.28 -36.93 -31.18
C SER B 301 1.65 -36.48 -29.86
N VAL B 302 1.16 -37.44 -29.09
CA VAL B 302 0.39 -37.12 -27.88
C VAL B 302 0.96 -37.87 -26.69
N VAL B 303 1.22 -37.14 -25.61
CA VAL B 303 1.53 -37.73 -24.31
C VAL B 303 0.23 -37.87 -23.55
N LYS B 304 -0.12 -39.09 -23.17
CA LYS B 304 -1.34 -39.27 -22.40
C LYS B 304 -1.21 -40.48 -21.50
N GLY B 305 -1.98 -40.46 -20.42
CA GLY B 305 -1.98 -41.55 -19.47
C GLY B 305 -3.06 -41.39 -18.42
N PRO B 306 -2.99 -42.20 -17.36
CA PRO B 306 -3.99 -42.13 -16.27
C PRO B 306 -4.28 -40.72 -15.82
N SER B 307 -5.57 -40.37 -15.74
CA SER B 307 -5.97 -38.98 -15.66
C SER B 307 -6.57 -38.65 -14.30
N LEU B 308 -6.44 -37.38 -13.94
CA LEU B 308 -7.13 -36.85 -12.77
C LEU B 308 -8.63 -36.94 -12.96
N ALA B 309 -9.11 -36.70 -14.19
CA ALA B 309 -10.53 -36.79 -14.48
C ALA B 309 -11.08 -38.16 -14.11
N ASP B 310 -10.33 -39.22 -14.46
CA ASP B 310 -10.74 -40.57 -14.13
C ASP B 310 -10.81 -40.80 -12.63
N LEU B 311 -9.81 -40.31 -11.89
CA LEU B 311 -9.84 -40.36 -10.42
C LEU B 311 -11.10 -39.71 -9.86
N VAL B 312 -11.41 -38.50 -10.33
CA VAL B 312 -12.60 -37.80 -9.84
C VAL B 312 -13.86 -38.58 -10.21
N ALA B 313 -13.91 -39.14 -11.42
CA ALA B 313 -15.10 -39.87 -11.86
C ALA B 313 -15.38 -41.07 -10.98
N LYS B 314 -14.32 -41.75 -10.52
CA LYS B 314 -14.47 -42.85 -9.58
C LYS B 314 -15.10 -42.39 -8.26
N ALA B 315 -14.79 -41.16 -7.83
CA ALA B 315 -15.32 -40.66 -6.57
C ALA B 315 -16.70 -40.03 -6.74
N ASP B 316 -16.88 -39.21 -7.79
CA ASP B 316 -18.15 -38.55 -8.03
C ASP B 316 -18.25 -38.23 -9.51
N ALA B 317 -19.09 -39.00 -10.22
CA ALA B 317 -19.21 -38.84 -11.67
C ALA B 317 -19.72 -37.46 -12.04
N ALA B 318 -20.67 -36.93 -11.26
CA ALA B 318 -21.27 -35.63 -11.57
C ALA B 318 -20.25 -34.51 -11.44
N ALA B 319 -19.41 -34.54 -10.39
CA ALA B 319 -18.37 -33.52 -10.26
C ALA B 319 -17.39 -33.56 -11.43
N ASN B 320 -17.02 -34.76 -11.87
CA ASN B 320 -16.14 -34.87 -13.04
C ASN B 320 -16.81 -34.32 -14.30
N ASP B 321 -18.07 -34.71 -14.54
CA ASP B 321 -18.75 -34.26 -15.76
C ASP B 321 -18.92 -32.75 -15.78
N THR B 322 -19.24 -32.15 -14.63
CA THR B 322 -19.36 -30.70 -14.56
C THR B 322 -18.05 -30.00 -14.93
N LEU B 323 -16.92 -30.51 -14.42
CA LEU B 323 -15.63 -29.88 -14.71
C LEU B 323 -15.22 -30.08 -16.17
N LYS B 324 -15.43 -31.28 -16.71
CA LYS B 324 -15.14 -31.48 -18.13
C LYS B 324 -15.92 -30.51 -18.99
N ALA B 325 -17.21 -30.32 -18.68
CA ALA B 325 -18.05 -29.42 -19.47
C ALA B 325 -17.63 -27.97 -19.30
N ASP B 326 -17.26 -27.57 -18.08
CA ASP B 326 -16.75 -26.21 -17.86
C ASP B 326 -15.46 -25.97 -18.63
N LEU B 327 -14.53 -26.93 -18.60
CA LEU B 327 -13.28 -26.78 -19.35
C LEU B 327 -13.55 -26.66 -20.85
N ALA B 328 -14.53 -27.41 -21.37
CA ALA B 328 -14.85 -27.32 -22.79
C ALA B 328 -15.42 -25.95 -23.14
N ASP B 329 -16.31 -25.43 -22.29
CA ASP B 329 -16.89 -24.12 -22.57
C ASP B 329 -15.85 -23.02 -22.44
N THR B 330 -14.94 -23.13 -21.47
CA THR B 330 -13.83 -22.19 -21.39
C THR B 330 -13.01 -22.21 -22.67
N GLU B 331 -12.72 -23.40 -23.19
CA GLU B 331 -11.95 -23.47 -24.43
C GLU B 331 -12.69 -22.80 -25.57
N ALA B 332 -14.02 -22.93 -25.62
CA ALA B 332 -14.81 -22.28 -26.66
C ALA B 332 -14.78 -20.77 -26.54
N LYS B 333 -14.85 -20.25 -25.30
CA LYS B 333 -14.73 -18.80 -25.11
C LYS B 333 -13.35 -18.31 -25.50
N LEU B 334 -12.31 -19.08 -25.18
CA LEU B 334 -10.96 -18.65 -25.55
C LEU B 334 -10.73 -18.80 -27.04
N GLN B 335 -11.35 -19.80 -27.67
CA GLN B 335 -11.25 -19.95 -29.12
C GLN B 335 -11.85 -18.75 -29.84
N ALA B 336 -12.94 -18.20 -29.31
CA ALA B 336 -13.54 -17.02 -29.91
C ALA B 336 -12.59 -15.83 -29.89
N ILE B 337 -11.78 -15.71 -28.84
CA ILE B 337 -10.77 -14.66 -28.82
C ILE B 337 -9.70 -14.91 -29.87
N VAL B 338 -9.20 -16.15 -29.98
CA VAL B 338 -8.25 -16.47 -31.04
C VAL B 338 -8.85 -16.15 -32.41
N ASP B 339 -10.10 -16.57 -32.64
CA ASP B 339 -10.72 -16.39 -33.95
C ASP B 339 -10.85 -14.91 -34.30
N SER B 340 -11.17 -14.06 -33.31
CA SER B 340 -11.25 -12.63 -33.55
C SER B 340 -9.95 -12.08 -34.14
N ALA B 341 -8.81 -12.50 -33.60
CA ALA B 341 -7.53 -12.01 -34.13
C ALA B 341 -7.21 -12.70 -35.45
N GLU B 342 -7.28 -14.03 -35.48
CA GLU B 342 -6.75 -14.78 -36.62
C GLU B 342 -7.69 -14.74 -37.82
N LYS B 343 -9.00 -14.73 -37.61
CA LYS B 343 -9.95 -14.68 -38.71
C LYS B 343 -10.40 -13.27 -39.05
N ASP B 344 -10.58 -12.40 -38.06
CA ASP B 344 -11.12 -11.06 -38.28
C ASP B 344 -10.09 -9.96 -38.16
N GLY B 345 -8.85 -10.27 -37.76
CA GLY B 345 -7.85 -9.22 -37.62
C GLY B 345 -8.08 -8.26 -36.47
N VAL B 346 -8.91 -8.64 -35.50
CA VAL B 346 -9.20 -7.79 -34.35
C VAL B 346 -8.52 -8.43 -33.15
N HIS B 347 -7.35 -7.89 -32.77
CA HIS B 347 -6.52 -8.48 -31.73
C HIS B 347 -6.96 -8.01 -30.35
N PHE B 348 -6.31 -8.55 -29.32
CA PHE B 348 -6.72 -8.31 -27.94
C PHE B 348 -6.68 -6.83 -27.61
N ASP B 349 -5.66 -6.11 -28.10
CA ASP B 349 -5.60 -4.68 -27.82
C ASP B 349 -6.71 -3.92 -28.53
N GLN B 350 -7.34 -4.50 -29.55
CA GLN B 350 -8.50 -3.88 -30.17
C GLN B 350 -9.81 -4.31 -29.54
N ILE B 352 -10.26 -4.74 -26.32
CA ILE B 352 -10.45 -4.04 -25.06
C ILE B 352 -10.65 -2.55 -25.25
N ALA B 353 -10.67 -2.06 -26.49
CA ALA B 353 -10.86 -0.64 -26.74
C ALA B 353 -12.18 -0.17 -26.13
N PRO B 354 -12.21 1.04 -25.55
CA PRO B 354 -13.43 1.50 -24.85
C PRO B 354 -14.71 1.38 -25.67
N ASP B 355 -14.66 1.60 -26.98
CA ASP B 355 -15.86 1.61 -27.80
C ASP B 355 -16.24 0.23 -28.34
N ASN B 356 -15.43 -0.79 -28.11
CA ASN B 356 -15.69 -2.11 -28.69
C ASN B 356 -16.47 -2.95 -27.69
N LYS B 357 -17.79 -2.77 -27.67
CA LYS B 357 -18.61 -3.49 -26.71
C LYS B 357 -18.65 -4.98 -26.99
N ASP B 358 -18.64 -5.36 -28.27
CA ASP B 358 -18.65 -6.78 -28.60
C ASP B 358 -17.34 -7.45 -28.19
N GLY B 359 -16.21 -6.81 -28.49
CA GLY B 359 -14.92 -7.35 -28.08
C GLY B 359 -14.79 -7.49 -26.57
N GLN B 360 -15.18 -6.45 -25.84
CA GLN B 360 -15.15 -6.54 -24.38
C GLN B 360 -15.99 -7.69 -23.87
N GLN B 361 -17.14 -7.95 -24.50
CA GLN B 361 -18.04 -9.00 -24.00
C GLN B 361 -17.44 -10.38 -24.20
N LYS B 362 -16.75 -10.60 -25.31
CA LYS B 362 -16.05 -11.89 -25.49
C LYS B 362 -15.04 -12.09 -24.37
N ILE B 363 -14.36 -11.02 -23.96
CA ILE B 363 -13.42 -11.16 -22.86
C ILE B 363 -14.14 -11.40 -21.55
N ARG B 364 -15.24 -10.69 -21.31
CA ARG B 364 -16.01 -10.92 -20.07
C ARG B 364 -16.59 -12.33 -20.04
N ASP B 365 -17.04 -12.86 -21.19
CA ASP B 365 -17.57 -14.21 -21.19
C ASP B 365 -16.48 -15.23 -20.87
N ALA B 366 -15.26 -14.99 -21.33
CA ALA B 366 -14.15 -15.89 -20.99
C ALA B 366 -13.80 -15.79 -19.51
N ILE B 367 -13.76 -14.57 -18.96
CA ILE B 367 -13.50 -14.45 -17.53
C ILE B 367 -14.54 -15.22 -16.72
N ALA B 368 -15.82 -15.08 -17.09
CA ALA B 368 -16.89 -15.76 -16.36
C ALA B 368 -16.73 -17.28 -16.44
N ALA B 369 -16.31 -17.80 -17.60
CA ALA B 369 -16.13 -19.24 -17.74
C ALA B 369 -14.97 -19.73 -16.88
N LEU B 370 -13.91 -18.93 -16.78
CA LEU B 370 -12.79 -19.31 -15.93
C LEU B 370 -13.17 -19.28 -14.46
N VAL B 371 -13.96 -18.29 -14.04
CA VAL B 371 -14.43 -18.22 -12.66
C VAL B 371 -15.28 -19.44 -12.34
N LYS B 372 -16.21 -19.78 -13.24
CA LYS B 372 -17.06 -20.95 -13.04
C LYS B 372 -16.22 -22.23 -12.95
N GLN B 373 -15.22 -22.37 -13.82
CA GLN B 373 -14.45 -23.62 -13.78
C GLN B 373 -13.59 -23.69 -12.53
N THR B 374 -13.16 -22.56 -11.98
CA THR B 374 -12.46 -22.59 -10.71
C THR B 374 -13.34 -23.19 -9.61
N GLY B 375 -14.62 -22.81 -9.59
CA GLY B 375 -15.53 -23.43 -8.64
C GLY B 375 -15.67 -24.93 -8.85
N ALA B 376 -15.73 -25.36 -10.11
CA ALA B 376 -15.81 -26.80 -10.39
C ALA B 376 -14.52 -27.51 -10.01
N ILE B 377 -13.38 -26.83 -10.13
CA ILE B 377 -12.11 -27.42 -9.70
C ILE B 377 -12.12 -27.64 -8.19
N GLU B 378 -12.58 -26.64 -7.44
CA GLU B 378 -12.70 -26.78 -5.99
C GLU B 378 -13.60 -27.97 -5.62
N GLN B 379 -14.75 -28.12 -6.30
CA GLN B 379 -15.65 -29.20 -5.94
C GLN B 379 -15.05 -30.55 -6.26
N ALA B 380 -14.42 -30.68 -7.44
CA ALA B 380 -13.79 -31.93 -7.82
C ALA B 380 -12.68 -32.31 -6.83
N ALA B 381 -11.85 -31.33 -6.46
CA ALA B 381 -10.80 -31.61 -5.49
C ALA B 381 -11.37 -32.11 -4.17
N GLY B 382 -12.46 -31.49 -3.71
CA GLY B 382 -13.09 -31.93 -2.48
C GLY B 382 -13.59 -33.36 -2.54
N LYS B 383 -14.03 -33.81 -3.73
CA LYS B 383 -14.47 -35.19 -3.88
C LYS B 383 -13.33 -36.20 -3.68
N LEU B 384 -12.08 -35.78 -3.89
CA LEU B 384 -10.92 -36.63 -3.63
C LEU B 384 -10.30 -36.37 -2.26
N GLY B 385 -11.03 -35.69 -1.37
CA GLY B 385 -10.53 -35.42 -0.04
C GLY B 385 -9.61 -34.22 0.08
N ILE B 386 -9.53 -33.38 -0.95
CA ILE B 386 -8.65 -32.23 -0.96
C ILE B 386 -9.51 -31.00 -0.67
N GLN B 387 -9.56 -30.60 0.59
CA GLN B 387 -10.40 -29.49 1.03
C GLN B 387 -9.57 -28.22 1.16
N ASP B 388 -10.27 -27.08 1.21
CA ASP B 388 -9.65 -25.76 1.35
C ASP B 388 -8.57 -25.54 0.29
N LEU B 389 -8.91 -25.79 -0.97
CA LEU B 389 -7.93 -25.61 -2.03
C LEU B 389 -7.42 -24.18 -2.08
N LYS B 390 -8.31 -23.21 -1.89
CA LYS B 390 -8.01 -21.78 -1.95
C LYS B 390 -7.13 -21.41 -3.15
N PRO B 391 -7.60 -21.65 -4.38
CA PRO B 391 -6.83 -21.24 -5.54
C PRO B 391 -6.50 -19.75 -5.46
N ASP B 392 -5.28 -19.41 -5.86
CA ASP B 392 -4.80 -18.04 -5.72
C ASP B 392 -5.61 -17.10 -6.60
N ASN B 393 -6.09 -16.01 -6.03
CA ASN B 393 -6.89 -15.04 -6.79
C ASN B 393 -6.13 -13.78 -7.14
N ALA B 394 -4.83 -13.71 -6.82
CA ALA B 394 -3.99 -12.57 -7.12
C ALA B 394 -4.62 -11.25 -6.66
N ASP B 395 -5.35 -11.32 -5.54
CA ASP B 395 -6.05 -10.18 -4.92
C ASP B 395 -7.18 -9.61 -5.78
N HIS B 396 -7.68 -10.37 -6.74
CA HIS B 396 -8.84 -9.94 -7.51
C HIS B 396 -10.11 -10.49 -6.90
N GLU B 397 -11.19 -9.73 -7.06
CA GLU B 397 -12.52 -10.14 -6.64
C GLU B 397 -13.41 -10.25 -7.87
N PHE B 398 -14.04 -11.40 -8.05
CA PHE B 398 -14.94 -11.62 -9.18
C PHE B 398 -16.39 -11.70 -8.73
N LYS C 1 26.84 15.66 -10.77
CA LYS C 1 25.50 15.89 -10.24
C LYS C 1 25.02 17.25 -10.78
N VAL C 2 24.20 17.96 -10.03
CA VAL C 2 23.78 19.31 -10.35
C VAL C 2 24.82 20.29 -9.84
N ASP C 3 25.03 21.37 -10.59
CA ASP C 3 25.82 22.48 -10.11
C ASP C 3 25.09 23.14 -8.95
N GLU C 4 25.79 23.30 -7.81
CA GLU C 4 25.11 23.81 -6.62
C GLU C 4 24.66 25.25 -6.79
N ALA C 5 25.49 26.09 -7.44
CA ALA C 5 25.10 27.48 -7.65
C ALA C 5 23.92 27.60 -8.59
N ALA C 6 23.89 26.75 -9.63
CA ALA C 6 22.74 26.74 -10.54
C ALA C 6 21.48 26.28 -9.81
N ALA C 7 21.59 25.24 -8.98
CA ALA C 7 20.45 24.79 -8.20
C ALA C 7 19.96 25.88 -7.25
N LYS C 8 20.89 26.57 -6.58
CA LYS C 8 20.51 27.64 -5.67
C LYS C 8 19.75 28.74 -6.40
N ALA C 9 20.21 29.11 -7.59
CA ALA C 9 19.51 30.12 -8.39
C ALA C 9 18.11 29.65 -8.76
N VAL C 10 17.96 28.35 -9.03
CA VAL C 10 16.65 27.81 -9.37
C VAL C 10 15.72 27.89 -8.16
N ILE C 11 16.21 27.51 -6.98
CA ILE C 11 15.39 27.52 -5.77
C ILE C 11 15.05 28.96 -5.38
N LYS C 12 15.98 29.90 -5.59
CA LYS C 12 15.71 31.29 -5.29
C LYS C 12 14.60 31.83 -6.18
N ASN C 13 14.63 31.51 -7.48
CA ASN C 13 13.56 31.94 -8.37
C ASN C 13 12.24 31.26 -8.01
N TYR C 14 12.30 30.01 -7.59
CA TYR C 14 11.13 29.30 -7.09
C TYR C 14 10.47 30.06 -5.94
N ALA C 15 11.28 30.53 -4.99
CA ALA C 15 10.75 31.36 -3.91
C ALA C 15 10.16 32.67 -4.44
N ASP C 16 10.77 33.23 -5.48
CA ASP C 16 10.23 34.45 -6.08
C ASP C 16 8.86 34.20 -6.71
N LEU C 17 8.68 33.03 -7.33
CA LEU C 17 7.39 32.66 -7.90
C LEU C 17 6.32 32.60 -6.82
N ALA C 18 6.63 31.93 -5.71
CA ALA C 18 5.69 31.85 -4.60
C ALA C 18 5.40 33.22 -4.01
N GLU C 19 6.44 34.02 -3.83
CA GLU C 19 6.27 35.37 -3.31
C GLU C 19 5.30 36.17 -4.17
N ALA C 20 5.49 36.13 -5.49
CA ALA C 20 4.63 36.89 -6.38
C ALA C 20 3.21 36.31 -6.41
N THR C 21 3.07 34.98 -6.40
CA THR C 21 1.75 34.38 -6.50
C THR C 21 0.91 34.67 -5.25
N PHE C 22 1.51 34.52 -4.06
CA PHE C 22 0.75 34.82 -2.84
C PHE C 22 0.53 36.32 -2.68
N ALA C 23 1.46 37.15 -3.17
CA ALA C 23 1.21 38.59 -3.14
C ALA C 23 0.02 38.95 -4.00
N ASP C 24 -0.09 38.32 -5.18
CA ASP C 24 -1.26 38.53 -6.03
C ASP C 24 -2.53 38.00 -5.37
N ALA C 25 -2.42 36.85 -4.68
CA ALA C 25 -3.59 36.33 -3.96
C ALA C 25 -4.05 37.34 -2.90
N LEU C 26 -3.09 37.94 -2.18
CA LEU C 26 -3.45 38.91 -1.15
C LEU C 26 -4.11 40.14 -1.75
N SER C 27 -3.54 40.68 -2.83
CA SER C 27 -4.07 41.95 -3.34
C SER C 27 -5.46 41.76 -3.95
N THR C 28 -5.70 40.62 -4.63
CA THR C 28 -7.06 40.38 -5.11
C THR C 28 -8.02 40.06 -3.99
N ALA C 29 -7.54 39.43 -2.91
CA ALA C 29 -8.41 39.23 -1.75
C ALA C 29 -8.78 40.56 -1.11
N LYS C 30 -7.88 41.54 -1.16
CA LYS C 30 -8.23 42.87 -0.67
C LYS C 30 -9.26 43.54 -1.58
N ASP C 31 -9.14 43.34 -2.91
CA ASP C 31 -10.19 43.81 -3.81
C ASP C 31 -11.53 43.16 -3.48
N LEU C 32 -11.50 41.88 -3.13
CA LEU C 32 -12.74 41.20 -2.73
C LEU C 32 -13.29 41.79 -1.44
N GLN C 33 -12.41 42.05 -0.48
CA GLN C 33 -12.83 42.67 0.77
C GLN C 33 -13.51 44.01 0.54
N LYS C 34 -12.96 44.82 -0.37
CA LYS C 34 -13.61 46.11 -0.67
C LYS C 34 -14.97 45.90 -1.29
N ALA C 35 -15.07 44.97 -2.23
CA ALA C 35 -16.36 44.68 -2.87
C ALA C 35 -17.36 44.16 -1.85
N ILE C 36 -16.92 43.32 -0.92
CA ILE C 36 -17.86 42.78 0.06
C ILE C 36 -18.28 43.86 1.05
N ASP C 37 -17.36 44.73 1.47
CA ASP C 37 -17.75 45.86 2.31
C ASP C 37 -18.78 46.75 1.61
N ALA C 38 -18.57 47.04 0.33
CA ALA C 38 -19.54 47.82 -0.43
C ALA C 38 -20.89 47.11 -0.50
N PHE C 39 -20.87 45.79 -0.68
CA PHE C 39 -22.09 45.01 -0.76
C PHE C 39 -22.83 44.98 0.57
N LEU C 40 -22.10 44.79 1.68
CA LEU C 40 -22.78 44.78 2.99
C LEU C 40 -23.39 46.15 3.29
N ALA C 41 -22.74 47.24 2.86
CA ALA C 41 -23.28 48.57 3.13
C ALA C 41 -24.50 48.89 2.28
N LYS C 42 -24.57 48.34 1.07
CA LYS C 42 -25.66 48.65 0.14
C LYS C 42 -25.97 47.41 -0.69
N PRO C 43 -26.65 46.42 -0.09
CA PRO C 43 -26.83 45.13 -0.77
C PRO C 43 -27.92 45.21 -1.84
N ASP C 44 -27.53 44.98 -3.09
CA ASP C 44 -28.48 44.89 -4.20
C ASP C 44 -27.83 44.05 -5.28
N ALA C 45 -28.55 43.86 -6.39
CA ALA C 45 -28.04 43.00 -7.44
C ALA C 45 -26.72 43.51 -8.01
N GLU C 46 -26.56 44.83 -8.08
CA GLU C 46 -25.33 45.37 -8.66
C GLU C 46 -24.13 45.11 -7.75
N THR C 47 -24.26 45.40 -6.46
CA THR C 47 -23.09 45.21 -5.60
C THR C 47 -22.85 43.73 -5.34
N LEU C 48 -23.89 42.89 -5.39
CA LEU C 48 -23.66 41.45 -5.29
C LEU C 48 -22.87 40.93 -6.49
N LYS C 49 -23.24 41.36 -7.70
CA LYS C 49 -22.50 40.95 -8.89
C LYS C 49 -21.03 41.38 -8.80
N ALA C 50 -20.78 42.59 -8.30
CA ALA C 50 -19.40 43.05 -8.14
C ALA C 50 -18.64 42.19 -7.14
N ALA C 51 -19.30 41.76 -6.07
CA ALA C 51 -18.63 40.90 -5.10
C ALA C 51 -18.29 39.55 -5.73
N LYS C 52 -19.22 38.99 -6.51
CA LYS C 52 -18.97 37.72 -7.19
C LYS C 52 -17.81 37.84 -8.17
N GLU C 53 -17.77 38.94 -8.93
CA GLU C 53 -16.69 39.11 -9.90
C GLU C 53 -15.36 39.27 -9.19
N ALA C 54 -15.35 39.91 -8.02
CA ALA C 54 -14.10 39.99 -7.26
C ALA C 54 -13.70 38.63 -6.72
N TRP C 55 -14.67 37.78 -6.36
CA TRP C 55 -14.34 36.45 -5.89
C TRP C 55 -13.68 35.63 -7.00
N PHE C 56 -14.26 35.65 -8.21
CA PHE C 56 -13.66 34.99 -9.36
C PHE C 56 -12.21 35.44 -9.56
N ALA C 57 -11.99 36.76 -9.55
CA ALA C 57 -10.64 37.29 -9.77
C ALA C 57 -9.69 36.88 -8.66
N ALA C 58 -10.18 36.76 -7.43
CA ALA C 58 -9.33 36.37 -6.32
C ALA C 58 -8.85 34.93 -6.44
N ARG C 59 -9.63 34.08 -7.15
CA ARG C 59 -9.28 32.67 -7.27
C ARG C 59 -8.09 32.42 -8.18
N THR C 60 -7.92 33.26 -9.21
CA THR C 60 -6.91 32.97 -10.23
C THR C 60 -5.50 32.88 -9.65
N PRO C 61 -5.01 33.87 -8.89
CA PRO C 61 -3.68 33.67 -8.29
C PRO C 61 -3.66 32.59 -7.21
N TYR C 62 -4.73 32.45 -6.41
CA TYR C 62 -4.65 31.43 -5.35
C TYR C 62 -4.53 30.04 -5.94
N SER C 63 -5.36 29.72 -6.93
CA SER C 63 -5.27 28.40 -7.54
C SER C 63 -3.89 28.15 -8.12
N GLN C 64 -3.21 29.18 -8.61
CA GLN C 64 -1.85 29.02 -9.13
C GLN C 64 -0.81 28.86 -8.03
N SER C 65 -1.20 28.96 -6.75
CA SER C 65 -0.27 28.74 -5.65
C SER C 65 -0.26 27.32 -5.13
N GLU C 66 -1.17 26.45 -5.57
CA GLU C 66 -1.35 25.21 -4.83
C GLU C 66 -0.29 24.15 -5.10
N ALA C 67 0.52 24.27 -6.15
CA ALA C 67 1.63 23.34 -6.32
C ALA C 67 2.82 23.65 -5.41
N PHE C 68 2.78 24.76 -4.66
CA PHE C 68 3.73 24.94 -3.57
C PHE C 68 3.35 24.16 -2.32
N ARG C 69 2.12 23.64 -2.24
CA ARG C 69 1.74 22.73 -1.18
C ARG C 69 2.58 21.45 -1.25
N PHE C 70 2.42 20.63 -0.21
CA PHE C 70 3.03 19.30 -0.11
C PHE C 70 4.55 19.35 0.04
N GLY C 71 5.24 20.04 -0.88
CA GLY C 71 6.67 20.24 -0.69
C GLY C 71 6.99 21.20 0.44
N ASN C 72 6.13 22.19 0.67
CA ASN C 72 6.34 23.20 1.69
C ASN C 72 5.26 23.01 2.76
N ALA C 73 5.62 22.32 3.84
CA ALA C 73 4.64 21.89 4.82
C ALA C 73 3.94 23.05 5.50
N ILE C 74 4.61 24.20 5.60
CA ILE C 74 3.98 25.36 6.24
C ILE C 74 2.68 25.71 5.55
N ILE C 75 2.58 25.44 4.24
CA ILE C 75 1.34 25.74 3.53
C ILE C 75 0.26 24.72 3.88
N ASP C 76 0.65 23.43 3.94
CA ASP C 76 -0.31 22.38 4.29
C ASP C 76 -0.92 22.62 5.67
N ASP C 77 -0.12 23.15 6.60
CA ASP C 77 -0.61 23.41 7.96
C ASP C 77 -1.53 24.62 8.02
N TRP C 78 -1.51 25.47 6.99
CA TRP C 78 -2.20 26.75 6.96
C TRP C 78 -3.46 26.72 6.09
N GLU C 79 -3.47 25.83 5.10
CA GLU C 79 -4.41 25.93 4.01
C GLU C 79 -5.81 25.43 4.35
N GLY C 80 -5.95 24.59 5.38
CA GLY C 80 -7.27 24.10 5.75
C GLY C 80 -8.21 25.18 6.28
N GLN C 81 -7.67 26.33 6.67
CA GLN C 81 -8.47 27.48 7.07
C GLN C 81 -8.80 28.37 5.88
N VAL C 82 -8.13 28.15 4.75
CA VAL C 82 -8.17 29.07 3.62
C VAL C 82 -8.97 28.50 2.46
N ASN C 83 -8.84 27.20 2.18
CA ASN C 83 -9.40 26.67 0.94
C ASN C 83 -9.95 25.26 1.13
N ALA C 84 -10.43 24.94 2.33
CA ALA C 84 -10.98 23.61 2.57
C ALA C 84 -12.27 23.42 1.78
N TRP C 85 -12.56 22.16 1.48
CA TRP C 85 -13.70 21.80 0.68
C TRP C 85 -13.75 20.26 0.71
N PRO C 86 -14.93 19.67 0.50
CA PRO C 86 -16.25 20.27 0.31
C PRO C 86 -16.84 20.81 1.61
N LEU C 87 -17.86 21.65 1.50
CA LEU C 87 -18.64 22.09 2.64
C LEU C 87 -19.85 21.19 2.85
N ASP C 88 -20.19 20.92 4.12
CA ASP C 88 -21.56 20.65 4.55
C ASP C 88 -22.14 22.01 4.95
N GLU C 89 -22.67 22.72 3.95
CA GLU C 89 -22.96 24.15 4.09
C GLU C 89 -24.08 24.42 5.09
N GLY C 90 -24.85 23.41 5.48
CA GLY C 90 -25.83 23.58 6.53
C GLY C 90 -25.23 23.89 7.89
N LEU C 91 -23.91 23.69 8.05
CA LEU C 91 -23.22 24.21 9.23
C LEU C 91 -23.40 25.73 9.33
N ILE C 92 -23.44 26.41 8.19
CA ILE C 92 -23.35 27.87 8.13
C ILE C 92 -24.73 28.53 8.07
N ASP C 93 -25.61 28.08 7.16
CA ASP C 93 -26.80 28.86 6.80
C ASP C 93 -27.93 27.89 6.45
N TYR C 94 -29.08 28.43 6.06
CA TYR C 94 -30.20 27.58 5.68
C TYR C 94 -29.87 26.75 4.44
N VAL C 95 -30.60 25.64 4.28
CA VAL C 95 -30.43 24.75 3.14
C VAL C 95 -31.81 24.31 2.63
N ALA C 96 -31.82 23.82 1.38
CA ALA C 96 -33.05 23.33 0.79
C ALA C 96 -33.38 21.92 1.28
N LYS C 97 -34.55 21.44 0.89
CA LYS C 97 -35.02 20.13 1.36
C LYS C 97 -34.14 18.99 0.85
N ASP C 98 -33.55 19.13 -0.33
CA ASP C 98 -32.76 18.02 -0.88
C ASP C 98 -31.28 18.10 -0.48
N TYR C 99 -30.97 18.83 0.58
CA TYR C 99 -29.61 18.95 1.10
C TYR C 99 -28.98 17.58 1.36
N GLN C 100 -27.79 17.38 0.80
CA GLN C 100 -26.99 16.19 1.05
C GLN C 100 -25.79 16.56 1.90
N HIS C 101 -25.59 15.85 3.01
CA HIS C 101 -24.47 16.10 3.90
C HIS C 101 -23.79 14.77 4.23
N ALA C 102 -22.65 14.87 4.89
CA ALA C 102 -21.87 13.68 5.21
C ALA C 102 -22.55 12.84 6.29
N LEU C 103 -22.41 11.52 6.18
CA LEU C 103 -22.81 10.66 7.28
C LEU C 103 -21.89 10.88 8.47
N GLY C 104 -22.46 10.76 9.66
CA GLY C 104 -21.68 10.94 10.87
C GLY C 104 -21.17 12.34 11.11
N ASN C 105 -21.84 13.35 10.57
CA ASN C 105 -21.44 14.74 10.81
C ASN C 105 -22.41 15.38 11.81
N PRO C 106 -22.04 15.50 13.08
CA PRO C 106 -22.95 16.09 14.07
C PRO C 106 -23.24 17.57 13.86
N GLY C 107 -22.51 18.27 13.00
CA GLY C 107 -22.75 19.69 12.75
C GLY C 107 -23.38 20.02 11.41
N ALA C 108 -23.86 19.02 10.66
CA ALA C 108 -24.30 19.24 9.28
C ALA C 108 -25.50 20.18 9.17
N THR C 109 -26.30 20.33 10.23
CA THR C 109 -27.44 21.23 10.23
C THR C 109 -27.34 22.29 11.32
N ALA C 110 -26.13 22.61 11.78
CA ALA C 110 -25.99 23.50 12.93
C ALA C 110 -26.58 24.89 12.67
N ASN C 111 -26.44 25.41 11.45
CA ASN C 111 -26.98 26.71 11.04
C ASN C 111 -26.53 27.82 11.99
N ILE C 112 -25.22 28.12 11.92
CA ILE C 112 -24.64 29.19 12.74
C ILE C 112 -25.35 30.51 12.52
N VAL C 113 -25.70 30.83 11.27
CA VAL C 113 -26.33 32.12 11.00
C VAL C 113 -27.66 32.22 11.77
N ALA C 114 -28.39 31.11 11.89
CA ALA C 114 -29.70 31.16 12.55
C ALA C 114 -29.62 31.07 14.07
N ASN C 115 -28.50 30.63 14.65
CA ASN C 115 -28.46 30.25 16.05
C ASN C 115 -27.30 30.93 16.77
N THR C 116 -27.60 31.60 17.89
CA THR C 116 -26.54 32.14 18.74
C THR C 116 -25.84 31.06 19.54
N GLU C 117 -26.30 29.82 19.43
CA GLU C 117 -25.77 28.74 20.23
C GLU C 117 -26.02 27.46 19.46
N ILE C 118 -24.97 26.67 19.24
CA ILE C 118 -25.14 25.44 18.48
C ILE C 118 -24.72 24.27 19.36
N GLN C 119 -25.25 23.11 19.02
CA GLN C 119 -24.98 21.88 19.78
C GLN C 119 -24.44 20.83 18.82
N VAL C 120 -23.25 20.33 19.12
CA VAL C 120 -22.59 19.32 18.32
C VAL C 120 -22.17 18.22 19.27
N GLY C 121 -22.78 17.05 19.12
CA GLY C 121 -22.57 15.99 20.10
C GLY C 121 -23.04 16.46 21.48
N GLU C 122 -22.15 16.33 22.46
CA GLU C 122 -22.44 16.74 23.83
C GLU C 122 -22.10 18.20 24.09
N ASP C 123 -21.49 18.89 23.12
CA ASP C 123 -20.90 20.20 23.36
C ASP C 123 -21.82 21.33 22.90
N LYS C 124 -22.15 22.21 23.83
CA LYS C 124 -22.93 23.41 23.58
C LYS C 124 -21.96 24.56 23.32
N ILE C 125 -22.09 25.20 22.16
CA ILE C 125 -21.05 26.09 21.65
C ILE C 125 -21.64 27.48 21.46
N ASP C 126 -21.06 28.46 22.13
CA ASP C 126 -21.49 29.86 22.05
C ASP C 126 -20.98 30.46 20.74
N VAL C 127 -21.91 30.86 19.86
CA VAL C 127 -21.53 31.53 18.62
C VAL C 127 -22.29 32.85 18.53
N LYS C 128 -22.56 33.45 19.69
CA LYS C 128 -23.32 34.70 19.70
C LYS C 128 -22.56 35.81 18.98
N GLU C 129 -21.28 35.98 19.29
CA GLU C 129 -20.43 36.97 18.65
C GLU C 129 -19.63 36.28 17.54
N ILE C 130 -19.92 36.62 16.29
CA ILE C 130 -19.28 35.99 15.14
C ILE C 130 -17.98 36.72 14.83
N THR C 131 -16.86 36.06 15.09
CA THR C 131 -15.53 36.62 14.84
C THR C 131 -14.73 35.64 13.99
N GLY C 132 -13.65 36.15 13.40
CA GLY C 132 -12.75 35.28 12.67
C GLY C 132 -12.19 34.17 13.53
N GLU C 133 -11.75 34.50 14.74
CA GLU C 133 -11.22 33.48 15.66
C GLU C 133 -12.26 32.41 15.96
N LYS C 134 -13.49 32.84 16.25
CA LYS C 134 -14.54 31.88 16.59
C LYS C 134 -14.84 30.95 15.43
N LEU C 135 -14.96 31.50 14.22
CA LEU C 135 -15.28 30.64 13.07
C LEU C 135 -14.14 29.68 12.77
N ALA C 136 -12.89 30.14 12.90
CA ALA C 136 -11.75 29.27 12.65
C ALA C 136 -11.77 28.07 13.59
N SER C 137 -12.20 28.26 14.84
CA SER C 137 -12.25 27.16 15.78
C SER C 137 -13.32 26.13 15.42
N LEU C 138 -14.20 26.44 14.47
CA LEU C 138 -15.28 25.54 14.08
C LEU C 138 -14.94 24.67 12.88
N ASN C 139 -13.82 24.92 12.20
CA ASN C 139 -13.39 24.03 11.14
C ASN C 139 -13.18 22.62 11.69
N GLU C 140 -13.75 21.62 11.00
CA GLU C 140 -13.65 20.22 11.39
C GLU C 140 -14.30 19.95 12.75
N LEU C 141 -15.32 20.76 13.08
CA LEU C 141 -16.07 20.59 14.32
C LEU C 141 -16.63 19.18 14.44
N GLY C 142 -16.64 18.66 15.67
CA GLY C 142 -17.12 17.31 15.88
C GLY C 142 -16.28 16.24 15.24
N GLY C 143 -15.10 16.57 14.73
CA GLY C 143 -14.25 15.62 14.06
C GLY C 143 -14.64 15.30 12.64
N SER C 144 -15.60 16.02 12.06
CA SER C 144 -16.01 15.79 10.68
C SER C 144 -15.30 16.78 9.76
N GLU C 145 -14.54 16.26 8.80
CA GLU C 145 -13.82 17.13 7.88
C GLU C 145 -14.74 17.90 6.96
N ALA C 146 -16.00 17.49 6.83
CA ALA C 146 -16.96 18.21 5.99
C ALA C 146 -17.38 19.54 6.61
N ASN C 147 -17.05 19.80 7.86
CA ASN C 147 -17.43 21.06 8.50
C ASN C 147 -16.36 22.08 8.15
N VAL C 148 -16.69 22.97 7.20
CA VAL C 148 -15.80 24.03 6.78
C VAL C 148 -16.50 25.35 7.08
N ALA C 149 -15.95 26.11 8.03
CA ALA C 149 -16.55 27.38 8.44
C ALA C 149 -15.91 28.61 7.81
N THR C 150 -14.71 28.47 7.23
CA THR C 150 -13.94 29.62 6.76
C THR C 150 -13.40 29.37 5.36
N GLY C 151 -12.77 30.40 4.77
CA GLY C 151 -12.04 30.25 3.54
C GLY C 151 -12.84 30.65 2.31
N TYR C 152 -12.19 30.47 1.14
CA TYR C 152 -12.79 30.86 -0.13
C TYR C 152 -14.18 30.26 -0.31
N HIS C 153 -14.38 29.01 0.10
CA HIS C 153 -15.64 28.37 -0.23
C HIS C 153 -16.73 28.67 0.79
N ALA C 154 -16.37 29.14 1.99
CA ALA C 154 -17.39 29.73 2.85
C ALA C 154 -17.89 31.05 2.28
N ILE C 155 -16.99 31.90 1.81
CA ILE C 155 -17.40 33.12 1.11
C ILE C 155 -18.22 32.78 -0.11
N GLU C 156 -17.78 31.79 -0.88
CA GLU C 156 -18.50 31.35 -2.07
C GLU C 156 -19.94 30.97 -1.73
N PHE C 157 -20.14 30.19 -0.66
CA PHE C 157 -21.48 29.78 -0.27
C PHE C 157 -22.32 30.98 0.15
N LEU C 158 -21.72 31.93 0.86
CA LEU C 158 -22.47 33.09 1.35
C LEU C 158 -22.80 34.06 0.23
N LEU C 159 -22.05 34.05 -0.87
CA LEU C 159 -22.34 34.92 -2.01
C LEU C 159 -23.38 34.28 -2.95
N TRP C 160 -23.23 32.99 -3.24
CA TRP C 160 -24.04 32.31 -4.25
C TRP C 160 -25.17 31.48 -3.65
N GLY C 161 -25.03 30.97 -2.43
CA GLY C 161 -25.97 30.00 -1.91
C GLY C 161 -25.81 28.65 -2.61
N GLN C 162 -26.64 27.70 -2.18
CA GLN C 162 -26.63 26.37 -2.78
C GLN C 162 -26.90 26.43 -4.27
N ASP C 163 -26.21 25.59 -5.03
CA ASP C 163 -26.55 25.36 -6.42
C ASP C 163 -27.68 24.33 -6.44
N LEU C 164 -28.89 24.78 -6.74
CA LEU C 164 -30.05 23.90 -6.71
C LEU C 164 -30.33 23.25 -8.06
N ASN C 165 -29.43 23.39 -9.03
CA ASN C 165 -29.67 22.89 -10.37
C ASN C 165 -29.03 21.55 -10.65
N GLY C 166 -28.35 20.95 -9.68
CA GLY C 166 -27.83 19.59 -9.82
C GLY C 166 -26.87 19.48 -10.99
N THR C 167 -27.20 18.63 -11.96
CA THR C 167 -26.39 18.47 -13.15
C THR C 167 -26.90 19.30 -14.33
N GLY C 168 -27.85 20.21 -14.09
CA GLY C 168 -28.37 21.06 -15.14
C GLY C 168 -27.66 22.40 -15.16
N PRO C 169 -28.08 23.27 -16.08
CA PRO C 169 -27.47 24.60 -16.17
C PRO C 169 -27.75 25.43 -14.93
N GLY C 170 -26.80 26.29 -14.59
CA GLY C 170 -27.03 27.28 -13.56
C GLY C 170 -26.28 26.98 -12.27
N ALA C 171 -25.97 28.04 -11.53
CA ALA C 171 -25.25 28.00 -10.27
C ALA C 171 -26.18 28.43 -9.13
N GLY C 172 -25.61 28.68 -7.96
CA GLY C 172 -26.41 29.25 -6.88
C GLY C 172 -26.99 30.59 -7.26
N ASN C 173 -28.12 30.95 -6.64
CA ASN C 173 -28.80 32.19 -7.00
C ASN C 173 -29.33 32.91 -5.76
N ARG C 174 -28.58 32.88 -4.67
CA ARG C 174 -28.97 33.59 -3.46
C ARG C 174 -29.29 35.05 -3.80
N PRO C 175 -30.38 35.61 -3.28
CA PRO C 175 -30.71 37.01 -3.56
C PRO C 175 -29.94 37.97 -2.66
N ALA C 176 -29.73 39.18 -3.17
CA ALA C 176 -29.03 40.19 -2.38
C ALA C 176 -29.79 40.54 -1.11
N THR C 177 -31.11 40.33 -1.10
CA THR C 177 -31.91 40.64 0.09
C THR C 177 -31.60 39.74 1.27
N ASP C 178 -30.84 38.65 1.07
CA ASP C 178 -30.36 37.87 2.21
C ASP C 178 -29.45 38.69 3.11
N TYR C 179 -29.06 39.90 2.69
CA TYR C 179 -28.19 40.76 3.47
C TYR C 179 -28.86 42.09 3.78
N ALA C 180 -30.11 42.28 3.41
CA ALA C 180 -30.85 43.48 3.77
C ALA C 180 -31.25 43.40 5.23
N GLN C 181 -31.19 44.53 5.91
CA GLN C 181 -31.46 44.58 7.33
C GLN C 181 -32.90 45.01 7.58
N GLY C 182 -33.52 44.44 8.61
CA GLY C 182 -34.87 44.82 8.95
C GLY C 182 -35.90 44.09 8.10
N LYS C 183 -37.01 44.80 7.81
CA LYS C 183 -38.16 44.15 7.20
C LYS C 183 -37.85 43.55 5.84
N ASP C 184 -36.86 44.09 5.12
CA ASP C 184 -36.54 43.56 3.80
C ASP C 184 -35.70 42.29 3.84
N CYS C 185 -35.29 41.83 5.03
CA CYS C 185 -34.45 40.65 5.13
C CYS C 185 -35.15 39.42 4.57
N THR C 186 -34.47 38.68 3.68
CA THR C 186 -34.93 37.36 3.29
C THR C 186 -34.00 36.30 3.85
N GLY C 187 -34.54 35.10 4.03
CA GLY C 187 -33.78 33.99 4.57
C GLY C 187 -33.60 34.01 6.07
N GLY C 188 -34.06 35.06 6.76
CA GLY C 188 -33.90 35.18 8.18
C GLY C 188 -32.51 35.58 8.64
N HIS C 189 -32.43 36.25 9.80
CA HIS C 189 -31.16 36.48 10.51
C HIS C 189 -30.11 37.17 9.63
N CYS C 190 -30.53 38.17 8.87
CA CYS C 190 -29.61 38.83 7.95
C CYS C 190 -28.53 39.63 8.68
N ASP C 191 -28.78 40.04 9.92
CA ASP C 191 -27.73 40.66 10.72
C ASP C 191 -26.58 39.68 10.96
N ARG C 192 -26.91 38.44 11.37
CA ARG C 192 -25.87 37.45 11.59
C ARG C 192 -25.22 37.01 10.27
N ARG C 193 -25.98 36.96 9.18
CA ARG C 193 -25.39 36.54 7.91
C ARG C 193 -24.38 37.57 7.41
N ALA C 194 -24.70 38.86 7.54
CA ALA C 194 -23.73 39.89 7.18
C ALA C 194 -22.50 39.84 8.07
N ALA C 195 -22.71 39.59 9.37
CA ALA C 195 -21.56 39.50 10.27
C ALA C 195 -20.67 38.31 9.91
N TYR C 196 -21.29 37.21 9.45
CA TYR C 196 -20.52 36.04 9.06
C TYR C 196 -19.70 36.33 7.81
N LEU C 197 -20.34 36.89 6.77
CA LEU C 197 -19.61 37.18 5.54
C LEU C 197 -18.45 38.13 5.79
N LYS C 198 -18.67 39.17 6.60
CA LYS C 198 -17.60 40.10 6.94
C LYS C 198 -16.47 39.40 7.66
N ALA C 199 -16.80 38.54 8.62
CA ALA C 199 -15.78 37.88 9.43
C ALA C 199 -14.90 36.96 8.58
N VAL C 200 -15.50 36.14 7.71
CA VAL C 200 -14.69 35.20 6.95
C VAL C 200 -13.90 35.93 5.88
N THR C 201 -14.42 37.05 5.37
CA THR C 201 -13.67 37.79 4.37
C THR C 201 -12.44 38.43 5.00
N ASP C 202 -12.61 39.07 6.17
CA ASP C 202 -11.46 39.66 6.86
C ASP C 202 -10.45 38.59 7.26
N LEU C 203 -10.93 37.43 7.70
CA LEU C 203 -10.03 36.35 8.10
C LEU C 203 -9.20 35.86 6.92
N LEU C 204 -9.82 35.72 5.75
CA LEU C 204 -9.10 35.31 4.55
C LEU C 204 -7.96 36.29 4.23
N VAL C 205 -8.27 37.59 4.23
CA VAL C 205 -7.23 38.59 3.98
C VAL C 205 -6.09 38.45 4.98
N SER C 206 -6.44 38.27 6.26
CA SER C 206 -5.44 38.12 7.30
C SER C 206 -4.59 36.87 7.09
N ASP C 207 -5.21 35.75 6.73
CA ASP C 207 -4.45 34.54 6.47
C ASP C 207 -3.53 34.70 5.25
N LEU C 208 -4.00 35.41 4.22
CA LEU C 208 -3.15 35.59 3.05
C LEU C 208 -2.01 36.56 3.34
N GLU C 209 -2.23 37.55 4.19
CA GLU C 209 -1.13 38.45 4.54
C GLU C 209 -0.02 37.69 5.25
N TYR C 210 -0.37 36.78 6.17
CA TYR C 210 0.63 35.97 6.85
C TYR C 210 1.45 35.15 5.85
N ALA C 212 1.81 35.40 2.49
CA ALA C 212 2.63 36.24 1.62
C ALA C 212 3.91 36.66 2.34
N GLY C 213 3.80 36.99 3.64
CA GLY C 213 4.97 37.38 4.41
C GLY C 213 5.98 36.27 4.62
N GLN C 214 5.55 35.01 4.53
CA GLN C 214 6.49 33.89 4.67
C GLN C 214 7.31 33.65 3.42
N TRP C 215 6.94 34.24 2.28
CA TRP C 215 7.71 34.11 1.04
C TRP C 215 8.39 35.40 0.64
N LYS C 216 8.21 36.46 1.43
CA LYS C 216 8.90 37.73 1.19
C LYS C 216 10.41 37.53 1.22
N ALA C 217 11.10 38.14 0.25
CA ALA C 217 12.55 38.06 0.22
C ALA C 217 13.15 38.95 1.31
N GLY C 218 14.38 38.62 1.71
CA GLY C 218 15.14 39.50 2.59
C GLY C 218 14.78 39.47 4.05
N VAL C 219 14.04 38.47 4.52
CA VAL C 219 13.59 38.39 5.91
C VAL C 219 14.31 37.22 6.56
N ALA C 220 15.05 37.50 7.64
CA ALA C 220 15.96 36.48 8.17
C ALA C 220 15.21 35.30 8.79
N ASP C 221 14.01 35.51 9.34
CA ASP C 221 13.40 34.49 10.18
C ASP C 221 12.19 33.79 9.54
N ASN C 222 11.89 34.01 8.25
CA ASN C 222 10.66 33.45 7.71
C ASN C 222 10.95 32.14 6.96
N TYR C 223 9.88 31.50 6.46
CA TYR C 223 10.04 30.18 5.85
C TYR C 223 10.97 30.25 4.65
N ARG C 224 10.89 31.31 3.85
CA ARG C 224 11.74 31.43 2.67
C ARG C 224 13.21 31.40 3.04
N ALA C 225 13.60 32.10 4.10
CA ALA C 225 15.01 32.08 4.50
C ALA C 225 15.44 30.69 4.95
N LYS C 226 14.55 29.92 5.57
CA LYS C 226 14.89 28.53 5.88
C LYS C 226 15.04 27.72 4.61
N LEU C 227 14.10 27.89 3.66
CA LEU C 227 14.16 27.13 2.42
C LEU C 227 15.45 27.40 1.67
N GLU C 228 15.82 28.68 1.54
CA GLU C 228 16.99 29.01 0.75
C GLU C 228 18.29 28.57 1.42
N ALA C 229 18.26 28.32 2.73
CA ALA C 229 19.43 27.85 3.46
C ALA C 229 19.53 26.32 3.51
N GLU C 230 18.46 25.61 3.16
CA GLU C 230 18.50 24.15 3.13
C GLU C 230 19.42 23.68 2.01
N PRO C 231 19.96 22.46 2.14
CA PRO C 231 20.75 21.87 1.04
C PRO C 231 19.94 21.86 -0.24
N VAL C 232 20.63 22.10 -1.37
CA VAL C 232 19.90 22.24 -2.64
C VAL C 232 19.11 20.99 -2.97
N ASP C 233 19.62 19.80 -2.61
CA ASP C 233 18.87 18.58 -2.87
C ASP C 233 17.53 18.58 -2.16
N THR C 234 17.47 19.16 -0.95
CA THR C 234 16.19 19.28 -0.24
C THR C 234 15.27 20.25 -0.96
N GLY C 235 15.79 21.40 -1.38
CA GLY C 235 14.96 22.37 -2.07
C GLY C 235 14.43 21.85 -3.39
N LEU C 236 15.29 21.22 -4.19
CA LEU C 236 14.84 20.64 -5.45
C LEU C 236 13.77 19.59 -5.22
N ARG C 237 13.97 18.72 -4.23
CA ARG C 237 12.96 17.71 -3.93
C ARG C 237 11.62 18.34 -3.59
N LYS C 238 11.63 19.45 -2.82
CA LYS C 238 10.38 20.12 -2.48
C LYS C 238 9.67 20.62 -3.72
N PHE C 240 9.82 19.38 -6.94
CA PHE C 240 9.24 18.24 -7.62
C PHE C 240 8.10 17.62 -6.82
N PHE C 241 8.25 17.54 -5.49
CA PHE C 241 7.24 16.88 -4.67
C PHE C 241 5.91 17.65 -4.70
N GLY C 242 5.99 18.99 -4.65
CA GLY C 242 4.78 19.78 -4.83
C GLY C 242 4.16 19.58 -6.20
N GLY C 244 4.42 17.04 -8.29
CA GLY C 244 3.87 15.70 -8.44
C GLY C 244 2.68 15.42 -7.52
N SER C 245 2.74 15.91 -6.28
CA SER C 245 1.63 15.66 -5.35
C SER C 245 0.37 16.41 -5.75
N LEU C 246 0.52 17.61 -6.33
CA LEU C 246 -0.66 18.29 -6.83
C LEU C 246 -1.20 17.59 -8.08
N SER C 247 -0.30 17.22 -9.02
CA SER C 247 -0.70 16.54 -10.25
C SER C 247 -1.57 15.33 -9.96
N LEU C 248 -1.11 14.46 -9.05
CA LEU C 248 -1.67 13.12 -8.89
C LEU C 248 -2.80 13.06 -7.87
N GLY C 249 -2.45 13.08 -6.57
CA GLY C 249 -3.46 12.89 -5.55
C GLY C 249 -4.50 13.99 -5.50
N GLU C 250 -4.06 15.24 -5.58
CA GLU C 250 -4.98 16.34 -5.32
C GLU C 250 -5.76 16.73 -6.56
N LEU C 251 -5.08 16.99 -7.68
CA LEU C 251 -5.78 17.47 -8.87
C LEU C 251 -6.50 16.32 -9.58
N ALA C 252 -5.75 15.32 -10.06
CA ALA C 252 -6.39 14.21 -10.77
C ALA C 252 -7.33 13.44 -9.87
N GLY C 253 -6.97 13.28 -8.59
CA GLY C 253 -7.74 12.44 -7.71
C GLY C 253 -8.88 13.14 -6.99
N GLU C 254 -8.53 13.98 -6.01
CA GLU C 254 -9.52 14.59 -5.13
C GLU C 254 -10.45 15.54 -5.89
N ARG C 255 -9.96 16.22 -6.91
CA ARG C 255 -10.73 17.27 -7.58
C ARG C 255 -11.32 16.85 -8.92
N LYS C 257 -11.28 12.83 -10.22
CA LYS C 257 -11.70 11.43 -10.10
C LYS C 257 -12.88 11.25 -9.14
N VAL C 258 -12.81 11.88 -7.96
CA VAL C 258 -13.85 11.66 -6.95
C VAL C 258 -15.21 12.08 -7.50
N ALA C 259 -15.32 13.32 -7.97
CA ALA C 259 -16.58 13.83 -8.49
C ALA C 259 -17.06 13.04 -9.70
N LEU C 260 -16.14 12.74 -10.62
CA LEU C 260 -16.50 12.05 -11.85
C LEU C 260 -17.03 10.65 -11.56
N GLU C 261 -16.27 9.84 -10.82
CA GLU C 261 -16.65 8.45 -10.66
C GLU C 261 -17.92 8.28 -9.81
N ALA C 262 -18.20 9.21 -8.91
CA ALA C 262 -19.46 9.20 -8.18
C ALA C 262 -20.57 9.96 -8.90
N ASN C 263 -20.28 10.63 -10.02
CA ASN C 263 -21.21 11.57 -10.65
C ASN C 263 -21.77 12.55 -9.61
N SER C 264 -20.92 12.99 -8.70
CA SER C 264 -21.34 13.70 -7.50
C SER C 264 -21.03 15.19 -7.64
N THR C 265 -22.08 15.98 -7.93
CA THR C 265 -21.90 17.43 -8.07
C THR C 265 -21.52 18.08 -6.74
N GLU C 266 -21.96 17.51 -5.62
CA GLU C 266 -21.65 18.13 -4.34
C GLU C 266 -20.20 17.88 -3.90
N ASP C 267 -19.44 17.08 -4.65
CA ASP C 267 -18.01 16.96 -4.45
C ASP C 267 -17.18 17.80 -5.41
N GLU C 268 -17.80 18.66 -6.23
CA GLU C 268 -16.98 19.51 -7.08
C GLU C 268 -16.37 20.64 -6.24
N HIS C 269 -15.21 21.12 -6.67
CA HIS C 269 -14.44 22.05 -5.85
C HIS C 269 -15.20 23.35 -5.62
N ASP C 270 -15.76 23.93 -6.69
CA ASP C 270 -16.44 25.22 -6.59
C ASP C 270 -17.93 24.95 -6.80
N CYS C 271 -18.54 24.42 -5.76
CA CYS C 271 -19.88 23.86 -5.83
C CYS C 271 -20.93 24.92 -6.19
N PHE C 272 -20.81 26.11 -5.60
CA PHE C 272 -21.89 27.08 -5.59
C PHE C 272 -21.79 28.07 -6.75
N SER C 273 -20.57 28.52 -7.05
CA SER C 273 -20.31 29.42 -8.16
C SER C 273 -20.14 28.69 -9.50
N ASP C 274 -19.98 27.36 -9.48
CA ASP C 274 -19.68 26.58 -10.68
C ASP C 274 -18.39 27.04 -11.37
N ASP C 275 -17.40 27.48 -10.58
CA ASP C 275 -16.13 27.93 -11.11
C ASP C 275 -15.08 26.81 -11.18
N THR C 276 -15.49 25.55 -11.03
CA THR C 276 -14.54 24.44 -10.89
C THR C 276 -13.57 24.37 -12.07
N HIS C 277 -14.05 24.68 -13.28
CA HIS C 277 -13.18 24.60 -14.45
C HIS C 277 -11.96 25.50 -14.30
N HIS C 278 -12.12 26.67 -13.68
CA HIS C 278 -10.98 27.56 -13.50
C HIS C 278 -10.03 27.06 -12.42
N THR C 279 -10.56 26.53 -11.30
CA THR C 279 -9.70 25.95 -10.29
C THR C 279 -8.79 24.90 -10.91
N LEU C 280 -9.38 23.95 -11.65
CA LEU C 280 -8.58 22.87 -12.24
C LEU C 280 -7.52 23.44 -13.18
N PHE C 281 -7.91 24.37 -14.06
CA PHE C 281 -6.97 24.93 -15.01
C PHE C 281 -5.78 25.57 -14.31
N PHE C 282 -6.05 26.45 -13.35
CA PHE C 282 -4.96 27.18 -12.73
C PHE C 282 -4.18 26.35 -11.70
N ASN C 283 -4.78 25.28 -11.16
CA ASN C 283 -3.99 24.27 -10.46
C ASN C 283 -2.94 23.66 -11.39
N GLY C 284 -3.37 23.26 -12.60
CA GLY C 284 -2.42 22.76 -13.58
C GLY C 284 -1.37 23.80 -13.93
N LYS C 285 -1.77 25.06 -14.06
CA LYS C 285 -0.84 26.13 -14.38
C LYS C 285 0.19 26.33 -13.27
N SER C 286 -0.21 26.14 -12.01
CA SER C 286 0.72 26.18 -10.90
C SER C 286 1.90 25.23 -11.14
N ILE C 287 1.61 24.01 -11.55
CA ILE C 287 2.66 23.01 -11.76
C ILE C 287 3.59 23.43 -12.89
N ARG C 288 3.02 23.89 -14.00
CA ARG C 288 3.83 24.29 -15.15
C ARG C 288 4.66 25.54 -14.84
N ASN C 289 4.07 26.51 -14.15
CA ASN C 289 4.80 27.71 -13.73
C ASN C 289 6.08 27.34 -12.99
N ILE C 290 5.98 26.42 -12.04
CA ILE C 290 7.12 26.04 -11.20
C ILE C 290 8.20 25.38 -12.04
N TYR C 291 7.82 24.48 -12.97
CA TYR C 291 8.83 23.77 -13.75
C TYR C 291 9.54 24.72 -14.72
N LEU C 292 8.79 25.62 -15.37
CA LEU C 292 9.39 26.54 -16.33
C LEU C 292 9.97 27.79 -15.68
N GLY C 293 9.78 27.97 -14.37
CA GLY C 293 10.39 29.09 -13.69
C GLY C 293 9.81 30.44 -14.02
N GLU C 294 8.53 30.50 -14.39
CA GLU C 294 7.93 31.76 -14.76
C GLU C 294 6.49 31.81 -14.26
N TYR C 295 6.08 33.01 -13.84
CA TYR C 295 4.73 33.27 -13.37
C TYR C 295 4.30 34.62 -13.94
N LYS C 296 3.22 34.61 -14.70
CA LYS C 296 2.65 35.84 -15.25
C LYS C 296 1.69 36.43 -14.22
N ARG C 297 2.00 37.63 -13.73
CA ARG C 297 1.27 38.24 -12.63
C ARG C 297 -0.08 38.76 -13.10
N ILE C 298 -0.94 39.09 -12.12
CA ILE C 298 -2.28 39.56 -12.44
C ILE C 298 -2.24 40.87 -13.22
N ASP C 299 -1.17 41.65 -13.06
CA ASP C 299 -1.03 42.90 -13.81
C ASP C 299 -0.35 42.73 -15.15
N GLY C 300 0.01 41.51 -15.54
CA GLY C 300 0.58 41.24 -16.84
C GLY C 300 2.10 41.13 -16.88
N SER C 301 2.80 41.67 -15.90
CA SER C 301 4.24 41.46 -15.86
C SER C 301 4.54 39.98 -15.56
N VAL C 302 5.78 39.59 -15.85
CA VAL C 302 6.22 38.20 -15.69
C VAL C 302 7.36 38.16 -14.70
N VAL C 303 7.26 37.28 -13.70
CA VAL C 303 8.39 36.93 -12.85
C VAL C 303 9.04 35.69 -13.45
N LYS C 304 10.35 35.77 -13.71
CA LYS C 304 11.04 34.76 -14.50
C LYS C 304 12.49 34.71 -14.05
N GLY C 305 13.04 33.49 -14.01
CA GLY C 305 14.41 33.29 -13.61
C GLY C 305 14.89 31.90 -14.01
N PRO C 306 16.10 31.53 -13.58
CA PRO C 306 16.66 30.22 -13.97
C PRO C 306 15.71 29.10 -13.56
N SER C 307 15.49 28.16 -14.48
CA SER C 307 14.39 27.21 -14.36
C SER C 307 14.87 25.82 -13.98
N LEU C 308 13.98 25.10 -13.29
CA LEU C 308 14.20 23.67 -13.05
C LEU C 308 14.27 22.91 -14.37
N ALA C 309 13.48 23.33 -15.36
CA ALA C 309 13.53 22.72 -16.68
C ALA C 309 14.94 22.75 -17.24
N ASP C 310 15.60 23.93 -17.18
CA ASP C 310 16.97 24.04 -17.69
C ASP C 310 17.92 23.16 -16.92
N LEU C 311 17.70 22.99 -15.61
CA LEU C 311 18.54 22.14 -14.80
C LEU C 311 18.39 20.67 -15.21
N VAL C 312 17.15 20.23 -15.44
CA VAL C 312 16.92 18.88 -15.95
C VAL C 312 17.55 18.72 -17.33
N ALA C 313 17.43 19.76 -18.17
CA ALA C 313 17.97 19.67 -19.53
C ALA C 313 19.47 19.43 -19.53
N LYS C 314 20.20 20.03 -18.59
CA LYS C 314 21.64 19.77 -18.46
C LYS C 314 21.93 18.31 -18.25
N ALA C 315 21.13 17.67 -17.41
CA ALA C 315 21.35 16.27 -17.05
C ALA C 315 20.86 15.31 -18.12
N ASP C 316 19.73 15.64 -18.74
CA ASP C 316 19.09 14.70 -19.68
C ASP C 316 18.07 15.50 -20.48
N ALA C 317 18.44 15.85 -21.72
CA ALA C 317 17.55 16.67 -22.54
C ALA C 317 16.24 15.94 -22.83
N ALA C 318 16.29 14.62 -23.02
CA ALA C 318 15.08 13.88 -23.37
C ALA C 318 14.05 13.92 -22.24
N ALA C 319 14.50 13.79 -20.99
CA ALA C 319 13.56 13.82 -19.88
C ALA C 319 12.89 15.18 -19.76
N ASN C 320 13.66 16.25 -20.00
CA ASN C 320 13.08 17.59 -19.95
C ASN C 320 12.10 17.81 -21.09
N ASP C 321 12.43 17.31 -22.28
CA ASP C 321 11.54 17.46 -23.43
C ASP C 321 10.23 16.72 -23.20
N THR C 322 10.31 15.52 -22.63
CA THR C 322 9.11 14.73 -22.38
C THR C 322 8.19 15.44 -21.38
N LEU C 323 8.76 15.97 -20.29
CA LEU C 323 7.92 16.62 -19.28
C LEU C 323 7.34 17.93 -19.78
N LYS C 324 8.12 18.69 -20.56
CA LYS C 324 7.57 19.91 -21.15
C LYS C 324 6.40 19.59 -22.07
N ALA C 325 6.53 18.55 -22.88
CA ALA C 325 5.44 18.13 -23.76
C ALA C 325 4.25 17.64 -22.96
N ASP C 326 4.49 16.89 -21.88
CA ASP C 326 3.38 16.41 -21.06
C ASP C 326 2.66 17.58 -20.37
N LEU C 327 3.41 18.56 -19.86
CA LEU C 327 2.78 19.72 -19.26
C LEU C 327 1.97 20.50 -20.29
N ALA C 328 2.48 20.62 -21.52
CA ALA C 328 1.73 21.32 -22.55
C ALA C 328 0.42 20.59 -22.87
N ASP C 329 0.47 19.26 -22.91
CA ASP C 329 -0.73 18.49 -23.21
C ASP C 329 -1.75 18.58 -22.08
N THR C 330 -1.27 18.52 -20.83
CA THR C 330 -2.18 18.69 -19.70
C THR C 330 -2.88 20.05 -19.76
N GLU C 331 -2.11 21.11 -20.05
CA GLU C 331 -2.73 22.42 -20.19
C GLU C 331 -3.81 22.41 -21.27
N ALA C 332 -3.56 21.71 -22.38
CA ALA C 332 -4.55 21.61 -23.45
C ALA C 332 -5.81 20.88 -22.98
N LYS C 333 -5.65 19.79 -22.23
CA LYS C 333 -6.81 19.05 -21.72
C LYS C 333 -7.60 19.89 -20.73
N LEU C 334 -6.90 20.62 -19.85
CA LEU C 334 -7.60 21.49 -18.91
C LEU C 334 -8.26 22.66 -19.64
N GLN C 335 -7.59 23.18 -20.67
CA GLN C 335 -8.19 24.27 -21.45
C GLN C 335 -9.52 23.84 -22.06
N ALA C 336 -9.60 22.57 -22.50
CA ALA C 336 -10.86 22.08 -23.06
C ALA C 336 -11.98 22.08 -22.03
N ILE C 337 -11.65 21.86 -20.75
CA ILE C 337 -12.66 21.92 -19.71
C ILE C 337 -13.10 23.37 -19.50
N VAL C 338 -12.15 24.31 -19.52
CA VAL C 338 -12.49 25.73 -19.46
C VAL C 338 -13.38 26.12 -20.63
N ASP C 339 -13.02 25.70 -21.85
CA ASP C 339 -13.79 26.08 -23.02
C ASP C 339 -15.22 25.54 -22.95
N SER C 340 -15.38 24.33 -22.39
CA SER C 340 -16.72 23.78 -22.24
C SER C 340 -17.60 24.70 -21.40
N ALA C 341 -17.07 25.24 -20.31
CA ALA C 341 -17.88 26.12 -19.46
C ALA C 341 -18.05 27.50 -20.09
N GLU C 342 -16.96 28.11 -20.56
CA GLU C 342 -16.98 29.51 -20.96
C GLU C 342 -17.56 29.71 -22.36
N LYS C 343 -17.31 28.79 -23.29
CA LYS C 343 -17.82 28.94 -24.63
C LYS C 343 -19.17 28.23 -24.83
N ASP C 344 -19.35 27.08 -24.21
CA ASP C 344 -20.55 26.27 -24.43
C ASP C 344 -21.55 26.35 -23.30
N GLY C 345 -21.20 26.94 -22.17
CA GLY C 345 -22.10 26.99 -21.04
C GLY C 345 -22.32 25.66 -20.36
N VAL C 346 -21.44 24.70 -20.56
CA VAL C 346 -21.52 23.39 -19.92
C VAL C 346 -20.42 23.34 -18.87
N HIS C 347 -20.81 23.56 -17.61
CA HIS C 347 -19.87 23.65 -16.51
C HIS C 347 -19.56 22.25 -15.98
N PHE C 348 -18.63 22.19 -15.01
CA PHE C 348 -18.13 20.92 -14.51
C PHE C 348 -19.25 20.04 -13.95
N ASP C 349 -20.21 20.64 -13.23
CA ASP C 349 -21.29 19.83 -12.67
C ASP C 349 -22.21 19.25 -13.74
N GLN C 350 -22.24 19.86 -14.92
CA GLN C 350 -22.98 19.27 -16.04
C GLN C 350 -22.14 18.24 -16.80
N ILE C 352 -20.12 16.04 -15.54
CA ILE C 352 -20.05 14.78 -14.82
C ILE C 352 -21.39 14.07 -14.74
N ALA C 353 -22.42 14.60 -15.39
CA ALA C 353 -23.72 13.95 -15.38
C ALA C 353 -23.62 12.57 -16.02
N PRO C 354 -24.34 11.57 -15.50
CA PRO C 354 -24.21 10.20 -16.06
C PRO C 354 -24.36 10.13 -17.58
N ASP C 355 -25.26 10.95 -18.14
CA ASP C 355 -25.58 10.98 -19.56
C ASP C 355 -24.54 11.69 -20.43
N ASN C 356 -23.65 12.49 -19.84
CA ASN C 356 -22.78 13.36 -20.64
C ASN C 356 -21.48 12.62 -20.92
N LYS C 357 -21.50 11.84 -22.01
CA LYS C 357 -20.34 11.00 -22.28
C LYS C 357 -19.16 11.80 -22.80
N ASP C 358 -19.40 12.89 -23.53
CA ASP C 358 -18.28 13.69 -24.01
C ASP C 358 -17.71 14.60 -22.92
N GLY C 359 -18.58 15.11 -22.03
CA GLY C 359 -18.08 15.83 -20.87
C GLY C 359 -17.20 14.95 -20.00
N GLN C 360 -17.69 13.75 -19.68
CA GLN C 360 -16.91 12.83 -18.86
C GLN C 360 -15.59 12.47 -19.52
N GLN C 361 -15.60 12.29 -20.85
CA GLN C 361 -14.37 11.94 -21.55
C GLN C 361 -13.34 13.05 -21.45
N LYS C 362 -13.76 14.31 -21.53
CA LYS C 362 -12.82 15.42 -21.38
C LYS C 362 -12.17 15.38 -20.00
N ILE C 363 -12.93 15.02 -18.97
CA ILE C 363 -12.36 14.91 -17.64
C ILE C 363 -11.43 13.71 -17.56
N ARG C 364 -11.83 12.57 -18.14
CA ARG C 364 -10.95 11.40 -18.12
C ARG C 364 -9.64 11.65 -18.85
N ASP C 365 -9.70 12.35 -19.99
CA ASP C 365 -8.48 12.65 -20.72
C ASP C 365 -7.56 13.57 -19.91
N ALA C 366 -8.14 14.51 -19.16
CA ALA C 366 -7.31 15.35 -18.31
C ALA C 366 -6.68 14.55 -17.17
N ILE C 367 -7.44 13.64 -16.55
CA ILE C 367 -6.87 12.78 -15.53
C ILE C 367 -5.71 11.97 -16.11
N ALA C 368 -5.92 11.37 -17.28
CA ALA C 368 -4.87 10.57 -17.89
C ALA C 368 -3.63 11.41 -18.19
N ALA C 369 -3.81 12.68 -18.58
CA ALA C 369 -2.66 13.54 -18.83
C ALA C 369 -1.92 13.88 -17.55
N LEU C 370 -2.67 14.07 -16.46
CA LEU C 370 -2.04 14.36 -15.17
C LEU C 370 -1.28 13.15 -14.65
N VAL C 371 -1.82 11.95 -14.88
CA VAL C 371 -1.11 10.74 -14.46
C VAL C 371 0.17 10.56 -15.27
N LYS C 372 0.10 10.78 -16.58
CA LYS C 372 1.31 10.66 -17.40
C LYS C 372 2.37 11.67 -16.96
N GLN C 373 1.96 12.91 -16.70
CA GLN C 373 2.95 13.94 -16.36
C GLN C 373 3.57 13.67 -14.98
N THR C 374 2.83 13.01 -14.08
CA THR C 374 3.41 12.62 -12.80
C THR C 374 4.58 11.64 -13.01
N GLY C 375 4.41 10.68 -13.93
CA GLY C 375 5.51 9.79 -14.24
C GLY C 375 6.71 10.52 -14.84
N ALA C 376 6.44 11.49 -15.71
CA ALA C 376 7.53 12.28 -16.28
C ALA C 376 8.20 13.15 -15.22
N ILE C 377 7.45 13.59 -14.21
CA ILE C 377 8.05 14.32 -13.10
C ILE C 377 9.03 13.44 -12.33
N GLU C 378 8.60 12.21 -12.03
CA GLU C 378 9.48 11.28 -11.34
C GLU C 378 10.75 11.00 -12.14
N GLN C 379 10.62 10.80 -13.45
CA GLN C 379 11.79 10.53 -14.28
C GLN C 379 12.75 11.72 -14.28
N ALA C 380 12.21 12.93 -14.45
CA ALA C 380 13.04 14.12 -14.47
C ALA C 380 13.76 14.32 -13.14
N ALA C 381 13.04 14.14 -12.02
CA ALA C 381 13.70 14.23 -10.72
C ALA C 381 14.78 13.17 -10.58
N GLY C 382 14.51 11.97 -11.09
CA GLY C 382 15.53 10.92 -11.06
C GLY C 382 16.80 11.31 -11.78
N LYS C 383 16.68 12.00 -12.91
CA LYS C 383 17.86 12.42 -13.67
C LYS C 383 18.73 13.40 -12.89
N LEU C 384 18.15 14.09 -11.91
CA LEU C 384 18.88 14.98 -11.02
C LEU C 384 19.32 14.29 -9.73
N GLY C 385 19.11 12.97 -9.64
CA GLY C 385 19.52 12.24 -8.46
C GLY C 385 18.52 12.25 -7.32
N ILE C 386 17.29 12.72 -7.56
CA ILE C 386 16.26 12.75 -6.54
C ILE C 386 15.38 11.52 -6.76
N GLN C 387 15.62 10.48 -5.99
CA GLN C 387 14.89 9.23 -6.11
C GLN C 387 13.85 9.13 -5.00
N ASP C 388 12.95 8.16 -5.15
CA ASP C 388 11.93 7.90 -4.15
C ASP C 388 11.07 9.14 -3.93
N LEU C 389 10.71 9.83 -5.01
CA LEU C 389 9.92 11.05 -4.86
C LEU C 389 8.59 10.75 -4.19
N LYS C 390 7.93 9.65 -4.59
CA LYS C 390 6.71 9.18 -3.96
C LYS C 390 5.67 10.30 -3.89
N PRO C 391 5.30 10.92 -5.00
CA PRO C 391 4.32 12.02 -4.92
C PRO C 391 3.00 11.50 -4.36
N ASP C 392 2.37 12.32 -3.53
CA ASP C 392 1.20 11.89 -2.77
C ASP C 392 0.05 11.54 -3.71
N ASN C 393 -0.51 10.33 -3.56
CA ASN C 393 -1.63 9.89 -4.37
C ASN C 393 -2.98 10.06 -3.68
N ALA C 394 -3.00 10.62 -2.46
CA ALA C 394 -4.24 10.79 -1.68
C ALA C 394 -5.07 9.50 -1.65
N ASP C 395 -4.39 8.35 -1.64
CA ASP C 395 -5.00 7.01 -1.55
C ASP C 395 -5.84 6.64 -2.78
N HIS C 396 -5.61 7.27 -3.92
CA HIS C 396 -6.26 6.90 -5.16
C HIS C 396 -5.36 5.97 -5.97
N GLU C 397 -5.96 5.06 -6.71
CA GLU C 397 -5.25 4.27 -7.71
C GLU C 397 -5.77 4.64 -9.09
N PHE C 398 -4.85 4.91 -10.01
CA PHE C 398 -5.20 5.48 -11.29
C PHE C 398 -5.03 4.47 -12.43
#